data_1CYG
#
_entry.id   1CYG
#
_cell.length_a   121.500
_cell.length_b   88.000
_cell.length_c   78.900
_cell.angle_alpha   90.00
_cell.angle_beta   90.00
_cell.angle_gamma   90.00
#
_symmetry.space_group_name_H-M   'P 21 21 21'
#
loop_
_entity.id
_entity.type
_entity.pdbx_description
1 polymer 'CYCLODEXTRIN GLUCANOTRANSFERASE'
2 non-polymer 'CALCIUM ION'
3 water water
#
_entity_poly.entity_id   1
_entity_poly.type   'polypeptide(L)'
_entity_poly.pdbx_seq_one_letter_code
;AGNLNKVNFTSDVVYQIVVDRFVDGNTSNNPSGALFSSGCTNLRKYCGGDWQGIINKINDGYLTDMGVTAIWISQPVENV
FSVMNDASGSASYHGYWARDFKKPNPFFGTLSDFQRLVDAAHAKGIKVIIDFAPNHTSPASETNPSYMENGRLYDNGTLL
GGYTNDANMYFHHNGGTTFSSLEDGIYRNLFDLADLNHQNPVIDRYLKDAVKMWIDMGIDGIRMDAVKHMPFGWQKSLMD
EIDNYRPVFTFGEWFLSENEVDANNHYFANESGMSLLDFRFGQKLRQVLRNNSDNWYGFNQMIQDTASAYDEVLDQVTFI
DNHDMDRFMIDGGDPRKVDMALAVLLTSRGVPNIYYGTEQYMTGNGDPNNRKMMSSFNKNTRAYQVIQKLSSLRRNNPAL
AYGDTEQRWINGDVYVYERQFGKDVVLVAVNRSSSSNYSITGLFTALPAGTYTDQLGGLLDGNTIQVGSNGSVNAFDLGP
GEVGVWAYSATESTPIIGHVGPMMGQVGHQVTIDGEGFGTNTGTVKFGTTAANVVSWSNNQIVVAVPNVSPGKYNITVQS
SSGQTSAAYDNFEVLTNDQVSVRFVVNNATTNLGQNIYIVGNVYELGNWDTSKAIGPMFNQVVYSYPTWYIDVSVPEGKT
IEFKFIKKDSQGNVTWESGSNHVYTTPTNTTGKIIVDWQN
;
_entity_poly.pdbx_strand_id   A
#
# COMPACT_ATOMS: atom_id res chain seq x y z
N ALA A 1 23.33 -3.96 -5.64
CA ALA A 1 23.30 -2.70 -4.87
C ALA A 1 23.54 -1.44 -5.71
N GLY A 2 23.25 -0.32 -5.03
CA GLY A 2 23.40 1.03 -5.59
C GLY A 2 22.57 2.03 -4.79
N ASN A 3 22.07 3.01 -5.46
CA ASN A 3 21.24 4.08 -4.85
C ASN A 3 19.79 3.61 -4.82
N LEU A 4 19.40 3.03 -3.69
CA LEU A 4 18.00 2.46 -3.61
C LEU A 4 16.99 3.59 -3.55
N ASN A 5 15.81 3.43 -4.08
CA ASN A 5 14.80 4.52 -4.09
C ASN A 5 13.70 4.15 -3.10
N LYS A 6 13.63 4.89 -2.02
CA LYS A 6 12.65 4.60 -0.97
C LYS A 6 11.26 5.12 -1.27
N VAL A 7 11.17 6.00 -2.26
CA VAL A 7 9.87 6.61 -2.62
C VAL A 7 9.38 6.29 -4.01
N ASN A 8 10.01 5.32 -4.65
CA ASN A 8 9.63 4.88 -5.99
C ASN A 8 9.83 3.37 -6.13
N PHE A 9 8.78 2.63 -6.00
CA PHE A 9 8.74 1.16 -6.08
C PHE A 9 8.11 0.61 -7.38
N THR A 10 7.72 1.46 -8.30
CA THR A 10 7.08 1.06 -9.55
C THR A 10 7.89 0.09 -10.38
N SER A 11 9.19 0.18 -10.21
CA SER A 11 10.07 -0.74 -10.97
C SER A 11 10.46 -1.95 -10.15
N ASP A 12 9.86 -2.24 -9.04
CA ASP A 12 10.18 -3.35 -8.17
C ASP A 12 9.24 -4.55 -8.25
N VAL A 13 9.78 -5.66 -7.74
CA VAL A 13 9.09 -6.94 -7.60
C VAL A 13 9.15 -7.29 -6.10
N VAL A 14 7.96 -7.27 -5.52
CA VAL A 14 7.91 -7.58 -4.09
C VAL A 14 7.52 -9.04 -3.83
N TYR A 15 8.23 -9.52 -2.84
CA TYR A 15 8.26 -10.82 -2.21
C TYR A 15 7.82 -10.71 -0.74
N GLN A 16 6.58 -11.09 -0.48
CA GLN A 16 6.00 -11.02 0.90
C GLN A 16 6.18 -12.33 1.67
N ILE A 17 6.89 -12.18 2.75
CA ILE A 17 7.26 -13.17 3.73
C ILE A 17 6.67 -12.94 5.12
N VAL A 18 6.10 -14.06 5.54
CA VAL A 18 5.58 -14.23 6.92
C VAL A 18 6.68 -15.08 7.58
N VAL A 19 7.59 -14.37 8.19
CA VAL A 19 8.79 -14.71 8.90
C VAL A 19 8.81 -16.10 9.53
N ASP A 20 7.89 -16.30 10.45
CA ASP A 20 7.75 -17.53 11.19
C ASP A 20 7.72 -18.77 10.27
N ARG A 21 7.14 -18.63 9.10
CA ARG A 21 7.00 -19.79 8.21
C ARG A 21 7.96 -19.82 7.03
N PHE A 22 9.01 -19.02 7.08
CA PHE A 22 9.91 -18.98 5.91
C PHE A 22 11.01 -20.01 6.04
N VAL A 23 12.05 -19.69 6.76
CA VAL A 23 13.24 -20.43 7.08
C VAL A 23 13.65 -20.19 8.55
N ASP A 24 13.98 -21.27 9.22
CA ASP A 24 14.43 -21.18 10.64
C ASP A 24 15.96 -21.09 10.53
N GLY A 25 16.44 -19.87 10.49
CA GLY A 25 17.86 -19.55 10.33
C GLY A 25 18.61 -19.76 11.65
N ASN A 26 17.97 -19.44 12.76
CA ASN A 26 18.52 -19.57 14.11
C ASN A 26 17.52 -20.32 15.00
N THR A 27 17.83 -21.56 15.23
CA THR A 27 17.00 -22.49 16.02
C THR A 27 17.06 -22.15 17.50
N SER A 28 18.17 -21.51 17.89
CA SER A 28 18.40 -21.10 19.27
C SER A 28 17.46 -19.98 19.70
N ASN A 29 16.89 -19.23 18.78
CA ASN A 29 15.98 -18.11 19.20
C ASN A 29 14.55 -18.65 19.23
N ASN A 30 14.45 -19.96 19.04
CA ASN A 30 13.13 -20.59 19.02
C ASN A 30 12.46 -20.53 20.39
N PRO A 31 11.16 -20.36 20.30
CA PRO A 31 10.31 -20.37 21.51
C PRO A 31 10.14 -21.87 21.81
N SER A 32 9.76 -22.18 23.01
CA SER A 32 9.54 -23.55 23.48
C SER A 32 8.17 -23.60 24.13
N GLY A 33 7.86 -24.71 24.79
CA GLY A 33 6.55 -24.81 25.45
C GLY A 33 5.42 -24.70 24.41
N ALA A 34 4.27 -24.34 24.95
CA ALA A 34 3.02 -24.19 24.25
C ALA A 34 3.05 -23.05 23.21
N LEU A 35 4.21 -22.47 23.01
CA LEU A 35 4.32 -21.31 22.10
C LEU A 35 4.77 -21.74 20.71
N PHE A 36 5.44 -22.90 20.76
CA PHE A 36 6.11 -23.60 19.69
C PHE A 36 5.48 -24.91 19.26
N SER A 37 5.59 -25.12 17.95
CA SER A 37 5.08 -26.33 17.28
C SER A 37 6.19 -26.82 16.35
N SER A 38 6.87 -27.85 16.90
CA SER A 38 7.96 -28.49 16.13
C SER A 38 7.33 -29.20 14.92
N GLY A 39 7.91 -28.91 13.76
CA GLY A 39 7.35 -29.52 12.54
C GLY A 39 6.22 -28.67 11.96
N CYS A 40 5.78 -27.67 12.68
CA CYS A 40 4.73 -26.76 12.19
C CYS A 40 3.45 -27.50 11.86
N THR A 41 3.25 -28.53 12.65
CA THR A 41 2.06 -29.41 12.56
C THR A 41 0.79 -28.66 12.94
N ASN A 42 0.91 -27.65 13.78
CA ASN A 42 -0.14 -26.75 14.25
C ASN A 42 0.32 -25.33 13.81
N LEU A 43 -0.31 -24.89 12.75
CA LEU A 43 -0.11 -23.62 12.03
C LEU A 43 -0.47 -22.35 12.77
N ARG A 44 -1.02 -22.46 13.96
CA ARG A 44 -1.40 -21.28 14.76
C ARG A 44 -0.37 -20.98 15.83
N LYS A 45 0.75 -21.69 15.85
CA LYS A 45 1.79 -21.45 16.87
C LYS A 45 3.11 -21.10 16.15
N TYR A 46 4.08 -20.66 16.92
CA TYR A 46 5.41 -20.34 16.35
C TYR A 46 6.02 -21.64 15.78
N CYS A 47 6.51 -21.50 14.57
CA CYS A 47 7.15 -22.56 13.80
C CYS A 47 8.65 -22.40 13.74
N GLY A 48 9.19 -21.18 13.81
CA GLY A 48 10.64 -21.02 13.85
C GLY A 48 11.38 -20.10 12.93
N GLY A 49 10.74 -19.65 11.86
CA GLY A 49 11.41 -18.74 10.92
C GLY A 49 11.69 -17.43 11.68
N ASP A 50 12.94 -17.05 11.48
CA ASP A 50 13.52 -15.85 12.10
C ASP A 50 14.20 -15.01 11.02
N TRP A 51 14.90 -13.96 11.46
CA TRP A 51 15.56 -13.08 10.45
C TRP A 51 16.71 -13.78 9.76
N GLN A 52 17.48 -14.54 10.54
CA GLN A 52 18.63 -15.28 10.01
C GLN A 52 18.18 -16.11 8.80
N GLY A 53 16.97 -16.60 8.93
CA GLY A 53 16.30 -17.41 7.92
C GLY A 53 16.40 -16.75 6.54
N ILE A 54 15.87 -15.52 6.54
CA ILE A 54 15.81 -14.64 5.40
C ILE A 54 17.20 -14.28 4.85
N ILE A 55 18.11 -13.87 5.72
CA ILE A 55 19.45 -13.52 5.22
C ILE A 55 20.06 -14.73 4.46
N ASN A 56 19.76 -15.94 4.91
CA ASN A 56 20.27 -17.12 4.22
C ASN A 56 19.73 -17.18 2.81
N LYS A 57 18.45 -16.82 2.69
CA LYS A 57 17.86 -16.93 1.32
C LYS A 57 18.33 -15.78 0.44
N ILE A 58 18.76 -14.70 1.11
CA ILE A 58 19.27 -13.56 0.37
C ILE A 58 20.69 -13.94 -0.13
N ASN A 59 21.48 -14.42 0.80
CA ASN A 59 22.86 -14.78 0.53
C ASN A 59 23.03 -16.01 -0.35
N ASP A 60 22.20 -17.02 -0.28
CA ASP A 60 22.40 -18.25 -1.09
C ASP A 60 21.84 -18.14 -2.49
N GLY A 61 21.26 -16.98 -2.80
CA GLY A 61 20.69 -16.62 -4.05
C GLY A 61 19.27 -16.91 -4.46
N TYR A 62 18.50 -17.63 -3.67
CA TYR A 62 17.12 -18.00 -4.00
C TYR A 62 16.25 -16.80 -4.37
N LEU A 63 16.37 -15.72 -3.60
CA LEU A 63 15.64 -14.48 -3.79
C LEU A 63 16.18 -13.63 -4.95
N THR A 64 17.48 -13.56 -4.99
CA THR A 64 18.14 -12.70 -6.02
C THR A 64 18.13 -13.32 -7.39
N ASP A 65 18.30 -14.64 -7.49
CA ASP A 65 18.21 -15.22 -8.87
C ASP A 65 16.77 -15.29 -9.37
N MET A 66 15.86 -14.94 -8.49
CA MET A 66 14.43 -14.97 -8.81
C MET A 66 14.00 -13.63 -9.43
N GLY A 67 14.86 -12.63 -9.24
CA GLY A 67 14.50 -11.30 -9.77
C GLY A 67 13.85 -10.46 -8.67
N VAL A 68 13.62 -11.00 -7.50
CA VAL A 68 13.06 -10.27 -6.34
C VAL A 68 13.97 -9.08 -6.01
N THR A 69 13.36 -7.95 -5.76
CA THR A 69 14.04 -6.67 -5.53
C THR A 69 13.68 -5.95 -4.26
N ALA A 70 12.59 -6.44 -3.69
CA ALA A 70 12.06 -5.93 -2.43
C ALA A 70 11.37 -7.09 -1.72
N ILE A 71 11.64 -7.01 -0.44
CA ILE A 71 11.13 -7.98 0.56
C ILE A 71 10.17 -7.30 1.52
N TRP A 72 9.04 -7.94 1.77
CA TRP A 72 8.03 -7.43 2.72
C TRP A 72 7.86 -8.45 3.88
N ILE A 73 8.23 -7.92 5.07
CA ILE A 73 8.17 -8.80 6.24
C ILE A 73 7.17 -8.38 7.30
N SER A 74 6.88 -9.37 8.12
CA SER A 74 6.00 -9.24 9.30
C SER A 74 6.48 -8.05 10.19
N GLN A 75 5.58 -7.51 11.00
CA GLN A 75 5.88 -6.43 11.96
C GLN A 75 6.97 -7.01 12.89
N PRO A 76 8.10 -6.33 12.94
CA PRO A 76 9.26 -6.76 13.72
C PRO A 76 9.18 -6.67 15.23
N VAL A 77 8.31 -5.85 15.71
CA VAL A 77 8.06 -5.54 17.12
C VAL A 77 7.73 -6.72 18.01
N GLU A 78 8.05 -6.49 19.27
CA GLU A 78 7.80 -7.48 20.34
C GLU A 78 6.31 -7.75 20.54
N ASN A 79 5.94 -8.99 20.36
CA ASN A 79 4.57 -9.49 20.47
C ASN A 79 4.35 -10.13 21.87
N VAL A 80 3.09 -10.36 22.17
CA VAL A 80 2.71 -10.97 23.44
C VAL A 80 3.19 -12.42 23.51
N PHE A 81 3.55 -12.79 24.75
CA PHE A 81 4.11 -14.13 25.02
C PHE A 81 3.12 -15.12 25.63
N SER A 82 1.86 -14.80 25.74
CA SER A 82 0.77 -15.63 26.28
C SER A 82 0.17 -16.54 25.22
N VAL A 83 -0.48 -17.61 25.61
CA VAL A 83 -1.16 -18.42 24.56
C VAL A 83 -2.67 -18.33 24.77
N MET A 84 -3.35 -18.42 23.62
CA MET A 84 -4.81 -18.33 23.61
C MET A 84 -5.47 -19.56 24.25
N ASN A 85 -6.72 -19.37 24.55
CA ASN A 85 -7.69 -20.23 25.19
C ASN A 85 -8.38 -21.17 24.19
N ASP A 86 -8.19 -20.81 22.95
CA ASP A 86 -8.83 -21.55 21.85
C ASP A 86 -8.31 -22.98 21.88
N ALA A 87 -8.93 -23.82 21.11
CA ALA A 87 -8.63 -25.24 20.95
C ALA A 87 -7.20 -25.45 20.49
N SER A 88 -6.79 -24.62 19.54
CA SER A 88 -5.47 -24.66 18.95
C SER A 88 -4.30 -24.19 19.79
N GLY A 89 -4.53 -23.17 20.60
CA GLY A 89 -3.52 -22.60 21.51
C GLY A 89 -2.62 -21.63 20.72
N SER A 90 -3.31 -20.63 20.22
CA SER A 90 -2.84 -19.53 19.41
C SER A 90 -1.81 -18.63 20.03
N ALA A 91 -0.72 -18.52 19.33
CA ALA A 91 0.44 -17.70 19.67
C ALA A 91 0.53 -16.45 18.77
N SER A 92 1.44 -15.55 19.08
CA SER A 92 1.66 -14.31 18.33
C SER A 92 2.63 -14.47 17.17
N TYR A 93 2.66 -15.61 16.56
CA TYR A 93 3.48 -16.03 15.45
C TYR A 93 3.56 -15.04 14.30
N HIS A 94 2.44 -14.54 13.88
CA HIS A 94 2.18 -13.63 12.79
C HIS A 94 2.65 -12.18 12.97
N GLY A 95 3.18 -11.83 14.10
CA GLY A 95 3.69 -10.57 14.52
C GLY A 95 2.69 -9.43 14.59
N TYR A 96 1.42 -9.70 14.57
CA TYR A 96 0.34 -8.77 14.66
C TYR A 96 -0.17 -8.47 16.08
N TRP A 97 0.28 -9.10 17.12
CA TRP A 97 -0.27 -8.83 18.49
C TRP A 97 0.81 -8.13 19.31
N ALA A 98 1.10 -6.91 18.93
CA ALA A 98 2.15 -6.14 19.58
C ALA A 98 1.94 -6.02 21.09
N ARG A 99 3.14 -5.97 21.67
CA ARG A 99 3.40 -5.83 23.08
C ARG A 99 4.27 -4.58 23.38
N ASP A 100 5.23 -4.36 22.55
CA ASP A 100 6.14 -3.22 22.70
C ASP A 100 6.69 -2.83 21.31
N PHE A 101 6.18 -1.70 20.85
CA PHE A 101 6.54 -1.19 19.51
C PHE A 101 7.99 -0.71 19.45
N LYS A 102 8.68 -0.78 20.60
CA LYS A 102 10.07 -0.32 20.63
C LYS A 102 11.12 -1.39 20.75
N LYS A 103 10.74 -2.66 20.84
CA LYS A 103 11.74 -3.74 20.90
C LYS A 103 11.44 -4.79 19.83
N PRO A 104 12.47 -5.58 19.54
CA PRO A 104 12.36 -6.66 18.55
C PRO A 104 11.55 -7.81 19.15
N ASN A 105 11.11 -8.66 18.28
CA ASN A 105 10.42 -9.93 18.55
C ASN A 105 11.67 -10.85 18.69
N PRO A 106 11.93 -11.31 19.91
CA PRO A 106 13.11 -12.13 20.19
C PRO A 106 13.05 -13.44 19.42
N PHE A 107 11.86 -13.94 19.07
CA PHE A 107 11.85 -15.19 18.30
C PHE A 107 12.40 -14.99 16.88
N PHE A 108 12.18 -13.80 16.35
CA PHE A 108 12.64 -13.44 15.01
C PHE A 108 14.12 -13.01 15.02
N GLY A 109 14.56 -12.53 16.17
CA GLY A 109 15.92 -12.04 16.33
C GLY A 109 16.10 -10.82 17.22
N THR A 110 17.37 -10.43 17.38
CA THR A 110 17.78 -9.25 18.14
C THR A 110 17.70 -8.02 17.21
N LEU A 111 17.97 -6.88 17.80
CA LEU A 111 18.01 -5.60 17.06
C LEU A 111 19.12 -5.62 16.01
N SER A 112 20.24 -6.25 16.32
CA SER A 112 21.43 -6.40 15.51
C SER A 112 21.15 -7.37 14.33
N ASP A 113 20.45 -8.43 14.70
CA ASP A 113 20.06 -9.47 13.73
C ASP A 113 19.31 -8.73 12.61
N PHE A 114 18.44 -7.90 13.21
CA PHE A 114 17.56 -7.03 12.44
C PHE A 114 18.39 -6.18 11.47
N GLN A 115 19.41 -5.53 12.03
CA GLN A 115 20.24 -4.63 11.21
C GLN A 115 21.00 -5.40 10.12
N ARG A 116 21.30 -6.67 10.43
CA ARG A 116 22.05 -7.51 9.48
C ARG A 116 21.13 -7.88 8.34
N LEU A 117 19.83 -7.89 8.65
CA LEU A 117 18.86 -8.22 7.58
C LEU A 117 18.83 -7.10 6.54
N VAL A 118 18.51 -5.91 6.99
CA VAL A 118 18.40 -4.74 6.11
C VAL A 118 19.68 -4.63 5.25
N ASP A 119 20.79 -4.70 5.93
CA ASP A 119 22.14 -4.61 5.32
C ASP A 119 22.31 -5.74 4.30
N ALA A 120 21.93 -6.94 4.72
CA ALA A 120 22.10 -8.12 3.83
C ALA A 120 21.21 -7.82 2.62
N ALA A 121 20.09 -7.15 2.90
CA ALA A 121 19.20 -6.82 1.77
C ALA A 121 19.88 -5.77 0.87
N HIS A 122 20.27 -4.70 1.52
CA HIS A 122 20.87 -3.54 0.91
C HIS A 122 22.04 -3.80 -0.02
N ALA A 123 22.98 -4.54 0.47
CA ALA A 123 24.20 -4.94 -0.25
C ALA A 123 23.89 -5.58 -1.60
N LYS A 124 22.74 -6.25 -1.67
CA LYS A 124 22.31 -6.96 -2.88
C LYS A 124 21.26 -6.22 -3.67
N GLY A 125 21.03 -4.94 -3.40
CA GLY A 125 19.99 -4.18 -4.12
C GLY A 125 18.57 -4.63 -3.84
N ILE A 126 18.28 -4.90 -2.58
CA ILE A 126 16.92 -5.31 -2.20
C ILE A 126 16.39 -4.42 -1.08
N LYS A 127 15.22 -3.88 -1.41
CA LYS A 127 14.57 -2.97 -0.42
C LYS A 127 13.90 -3.80 0.66
N VAL A 128 13.62 -3.13 1.79
CA VAL A 128 12.94 -3.76 2.92
C VAL A 128 11.72 -2.97 3.40
N ILE A 129 10.61 -3.70 3.40
CA ILE A 129 9.30 -3.23 3.86
C ILE A 129 8.86 -4.07 5.07
N ILE A 130 8.48 -3.36 6.14
CA ILE A 130 8.03 -4.01 7.37
C ILE A 130 6.56 -3.72 7.65
N ASP A 131 5.94 -4.74 8.22
CA ASP A 131 4.52 -4.58 8.63
C ASP A 131 4.60 -3.70 9.92
N PHE A 132 3.63 -2.83 10.11
CA PHE A 132 3.47 -1.92 11.23
C PHE A 132 1.97 -1.88 11.52
N ALA A 133 1.62 -2.20 12.74
CA ALA A 133 0.24 -2.28 13.18
C ALA A 133 -0.10 -1.43 14.39
N PRO A 134 -0.28 -0.11 14.12
CA PRO A 134 -0.60 0.91 15.09
C PRO A 134 -2.01 1.00 15.64
N ASN A 135 -2.94 0.27 15.12
CA ASN A 135 -4.34 0.28 15.48
C ASN A 135 -4.64 -0.33 16.86
N HIS A 136 -3.98 -1.46 17.08
CA HIS A 136 -4.21 -2.23 18.31
C HIS A 136 -2.94 -2.84 18.87
N THR A 137 -3.21 -3.51 19.97
CA THR A 137 -2.21 -4.22 20.79
C THR A 137 -2.32 -5.71 20.64
N SER A 138 -3.04 -6.38 21.48
CA SER A 138 -3.32 -7.80 21.57
C SER A 138 -4.74 -8.07 22.10
N PRO A 139 -5.11 -9.34 21.99
CA PRO A 139 -6.43 -9.86 22.41
C PRO A 139 -6.60 -9.63 23.90
N ALA A 140 -7.73 -9.02 24.24
CA ALA A 140 -7.91 -8.69 25.67
C ALA A 140 -9.37 -8.81 26.08
N SER A 141 -9.49 -8.96 27.39
CA SER A 141 -10.75 -9.04 28.08
C SER A 141 -10.68 -8.04 29.25
N GLU A 142 -11.56 -7.05 29.14
CA GLU A 142 -11.60 -6.01 30.20
C GLU A 142 -11.92 -6.71 31.53
N THR A 143 -13.01 -7.45 31.44
CA THR A 143 -13.58 -8.22 32.52
C THR A 143 -12.76 -9.35 33.05
N ASN A 144 -11.89 -9.93 32.24
CA ASN A 144 -11.03 -11.09 32.66
C ASN A 144 -9.57 -10.68 32.42
N PRO A 145 -8.98 -9.98 33.38
CA PRO A 145 -7.60 -9.54 33.27
C PRO A 145 -6.62 -10.67 33.11
N SER A 146 -7.11 -11.92 33.25
CA SER A 146 -6.14 -13.03 33.10
C SER A 146 -5.93 -13.38 31.63
N TYR A 147 -6.90 -12.96 30.83
CA TYR A 147 -6.87 -13.26 29.39
C TYR A 147 -5.64 -12.73 28.66
N MET A 148 -4.82 -13.71 28.31
CA MET A 148 -3.58 -13.42 27.56
C MET A 148 -2.71 -12.45 28.36
N GLU A 149 -2.55 -11.20 27.93
CA GLU A 149 -1.71 -10.25 28.67
C GLU A 149 -2.38 -8.91 28.90
N ASN A 150 -3.68 -8.88 28.96
CA ASN A 150 -4.56 -7.74 29.19
C ASN A 150 -4.38 -6.64 28.15
N GLY A 151 -3.77 -7.02 27.04
CA GLY A 151 -3.54 -6.11 25.89
C GLY A 151 -2.51 -5.06 26.33
N ARG A 152 -1.69 -5.56 27.27
CA ARG A 152 -0.65 -4.69 27.81
C ARG A 152 0.27 -4.05 26.78
N LEU A 153 0.53 -2.75 27.01
CA LEU A 153 1.41 -1.95 26.19
C LEU A 153 2.67 -1.54 26.96
N TYR A 154 3.83 -1.89 26.39
CA TYR A 154 5.11 -1.52 27.03
C TYR A 154 5.82 -0.43 26.20
N ASP A 155 6.69 0.26 26.85
CA ASP A 155 7.50 1.38 26.27
C ASP A 155 8.96 1.04 26.60
N ASN A 156 9.56 0.36 25.66
CA ASN A 156 10.96 -0.07 25.85
C ASN A 156 11.08 -0.79 27.19
N GLY A 157 10.17 -1.73 27.48
CA GLY A 157 10.28 -2.47 28.76
C GLY A 157 9.35 -1.95 29.82
N THR A 158 9.26 -0.64 29.97
CA THR A 158 8.37 0.00 30.96
C THR A 158 6.91 -0.15 30.52
N LEU A 159 6.01 -0.32 31.45
CA LEU A 159 4.58 -0.48 31.20
C LEU A 159 3.90 0.88 30.98
N LEU A 160 2.84 0.80 30.19
CA LEU A 160 2.03 2.04 30.00
C LEU A 160 0.71 1.72 30.73
N GLY A 161 0.18 0.53 30.46
CA GLY A 161 -1.06 0.06 31.07
C GLY A 161 -1.71 -1.00 30.19
N GLY A 162 -2.67 -1.68 30.79
CA GLY A 162 -3.51 -2.71 30.20
C GLY A 162 -4.94 -2.24 29.95
N TYR A 163 -5.73 -3.17 29.40
CA TYR A 163 -7.13 -2.93 29.04
C TYR A 163 -8.00 -2.79 30.28
N THR A 164 -7.66 -3.57 31.29
CA THR A 164 -8.36 -3.50 32.60
C THR A 164 -7.69 -2.35 33.35
N ASN A 165 -8.52 -1.54 33.96
CA ASN A 165 -8.13 -0.36 34.72
C ASN A 165 -7.44 0.68 33.85
N ASP A 166 -7.99 1.07 32.75
CA ASP A 166 -7.36 2.06 31.85
C ASP A 166 -7.54 3.50 32.33
N ALA A 167 -7.12 3.79 33.56
CA ALA A 167 -7.26 5.14 34.11
C ALA A 167 -6.86 6.18 33.05
N ASN A 168 -5.72 5.93 32.44
CA ASN A 168 -5.11 6.78 31.43
C ASN A 168 -6.00 6.96 30.17
N MET A 169 -6.75 5.94 29.82
CA MET A 169 -7.60 5.86 28.63
C MET A 169 -6.68 5.81 27.39
N TYR A 170 -5.81 4.83 27.39
CA TYR A 170 -4.83 4.53 26.36
C TYR A 170 -5.54 3.81 25.21
N PHE A 171 -6.62 3.17 25.60
CA PHE A 171 -7.46 2.39 24.68
C PHE A 171 -8.92 2.87 24.67
N HIS A 172 -9.64 2.28 23.73
CA HIS A 172 -11.07 2.53 23.56
C HIS A 172 -11.83 1.44 24.35
N HIS A 173 -13.00 1.86 24.81
CA HIS A 173 -13.88 0.97 25.59
C HIS A 173 -15.33 1.06 25.15
N ASN A 174 -15.54 0.82 23.87
CA ASN A 174 -16.83 0.88 23.19
C ASN A 174 -17.19 -0.47 22.55
N GLY A 175 -16.81 -1.55 23.18
CA GLY A 175 -17.12 -2.89 22.61
C GLY A 175 -16.29 -3.12 21.35
N GLY A 176 -16.60 -4.24 20.71
CA GLY A 176 -15.91 -4.64 19.47
C GLY A 176 -16.88 -4.34 18.29
N THR A 177 -16.31 -4.24 17.11
CA THR A 177 -17.11 -3.96 15.93
C THR A 177 -17.91 -5.20 15.50
N THR A 178 -18.81 -4.80 14.65
CA THR A 178 -19.90 -5.54 13.99
C THR A 178 -19.87 -5.27 12.50
N PHE A 179 -19.03 -4.32 12.15
CA PHE A 179 -18.73 -3.79 10.84
C PHE A 179 -20.04 -3.26 10.19
N SER A 180 -20.85 -2.67 11.05
CA SER A 180 -22.13 -2.09 10.62
C SER A 180 -21.87 -0.77 9.91
N SER A 181 -20.66 -0.23 10.13
CA SER A 181 -20.34 1.05 9.50
C SER A 181 -18.83 1.27 9.51
N LEU A 182 -18.47 2.32 8.80
CA LEU A 182 -17.07 2.78 8.77
C LEU A 182 -16.73 3.24 10.20
N GLU A 183 -17.62 4.03 10.76
CA GLU A 183 -17.45 4.55 12.13
C GLU A 183 -17.34 3.42 13.16
N ASP A 184 -18.23 2.45 13.01
CA ASP A 184 -18.32 1.27 13.86
C ASP A 184 -16.95 0.58 13.94
N GLY A 185 -16.31 0.48 12.78
CA GLY A 185 -15.01 -0.15 12.61
C GLY A 185 -13.79 0.61 13.03
N ILE A 186 -13.92 1.89 13.36
CA ILE A 186 -12.76 2.67 13.81
C ILE A 186 -12.74 2.83 15.32
N TYR A 187 -13.86 3.21 15.90
CA TYR A 187 -13.85 3.44 17.36
C TYR A 187 -14.27 2.25 18.20
N ARG A 188 -14.29 1.10 17.55
CA ARG A 188 -14.63 -0.16 18.20
C ARG A 188 -13.49 -1.16 17.93
N ASN A 189 -13.36 -2.10 18.84
CA ASN A 189 -12.35 -3.14 18.85
C ASN A 189 -12.54 -4.11 17.67
N LEU A 190 -11.43 -4.24 17.00
CA LEU A 190 -11.35 -5.21 15.86
C LEU A 190 -11.21 -6.53 16.61
N PHE A 191 -12.31 -7.29 16.63
CA PHE A 191 -12.38 -8.57 17.37
C PHE A 191 -12.20 -8.22 18.86
N ASP A 192 -11.17 -8.81 19.47
CA ASP A 192 -10.92 -8.53 20.90
C ASP A 192 -9.52 -7.94 21.07
N LEU A 193 -9.00 -7.43 19.95
CA LEU A 193 -7.64 -6.78 20.05
C LEU A 193 -7.88 -5.42 20.74
N ALA A 194 -7.04 -5.09 21.71
CA ALA A 194 -7.17 -3.79 22.39
C ALA A 194 -6.86 -2.66 21.42
N ASP A 195 -7.92 -1.86 21.30
CA ASP A 195 -7.94 -0.69 20.40
C ASP A 195 -7.27 0.53 21.02
N LEU A 196 -6.18 0.94 20.39
CA LEU A 196 -5.47 2.15 20.88
C LEU A 196 -6.30 3.40 20.55
N ASN A 197 -6.26 4.31 21.47
CA ASN A 197 -6.90 5.61 21.40
C ASN A 197 -5.81 6.57 20.86
N HIS A 198 -5.83 6.76 19.56
CA HIS A 198 -4.85 7.64 18.92
C HIS A 198 -4.96 9.10 19.33
N GLN A 199 -6.09 9.55 19.83
CA GLN A 199 -6.28 10.94 20.23
C GLN A 199 -5.51 11.23 21.52
N ASN A 200 -5.20 10.15 22.24
CA ASN A 200 -4.45 10.31 23.50
C ASN A 200 -3.01 10.72 23.17
N PRO A 201 -2.56 11.76 23.85
CA PRO A 201 -1.20 12.31 23.65
C PRO A 201 -0.09 11.32 23.87
N VAL A 202 -0.12 10.56 24.95
CA VAL A 202 0.92 9.54 25.20
C VAL A 202 1.01 8.59 23.97
N ILE A 203 -0.13 8.12 23.51
CA ILE A 203 -0.25 7.15 22.42
C ILE A 203 0.26 7.70 21.09
N ASP A 204 -0.23 8.90 20.85
CA ASP A 204 0.15 9.66 19.67
C ASP A 204 1.66 9.88 19.64
N ARG A 205 2.29 10.21 20.78
CA ARG A 205 3.74 10.38 20.71
C ARG A 205 4.46 9.01 20.61
N TYR A 206 4.04 8.07 21.39
CA TYR A 206 4.60 6.71 21.42
C TYR A 206 4.67 6.05 20.04
N LEU A 207 3.57 5.96 19.32
CA LEU A 207 3.57 5.34 17.99
C LEU A 207 4.50 6.08 17.01
N LYS A 208 4.37 7.40 17.02
CA LYS A 208 5.18 8.26 16.12
C LYS A 208 6.68 8.07 16.35
N ASP A 209 7.04 7.96 17.60
CA ASP A 209 8.41 7.73 18.08
C ASP A 209 8.95 6.36 17.57
N ALA A 210 8.08 5.36 17.73
CA ALA A 210 8.43 3.99 17.33
C ALA A 210 8.73 3.85 15.83
N VAL A 211 7.80 4.41 15.04
CA VAL A 211 7.96 4.32 13.58
C VAL A 211 9.37 4.83 13.23
N LYS A 212 9.73 5.94 13.89
CA LYS A 212 11.02 6.56 13.70
C LYS A 212 12.22 5.64 13.98
N MET A 213 12.12 4.93 15.08
CA MET A 213 13.14 4.01 15.59
C MET A 213 13.45 2.99 14.47
N TRP A 214 12.35 2.51 13.87
CA TRP A 214 12.47 1.52 12.78
C TRP A 214 13.01 2.10 11.49
N ILE A 215 12.54 3.31 11.18
CA ILE A 215 13.03 3.95 9.94
C ILE A 215 14.53 4.10 10.06
N ASP A 216 14.96 4.47 11.25
CA ASP A 216 16.34 4.69 11.62
C ASP A 216 17.15 3.41 11.31
N MET A 217 16.47 2.26 11.41
CA MET A 217 17.18 1.01 11.12
C MET A 217 17.48 0.95 9.59
N GLY A 218 16.88 1.87 8.84
CA GLY A 218 17.08 1.98 7.40
C GLY A 218 16.15 1.23 6.49
N ILE A 219 14.93 0.95 6.94
CA ILE A 219 13.96 0.23 6.11
C ILE A 219 13.65 1.06 4.87
N ASP A 220 12.91 0.48 3.92
CA ASP A 220 12.67 1.25 2.68
C ASP A 220 11.22 1.60 2.51
N GLY A 221 10.35 0.99 3.29
CA GLY A 221 8.91 1.27 3.13
C GLY A 221 8.12 0.56 4.20
N ILE A 222 6.89 0.99 4.40
CA ILE A 222 6.03 0.40 5.39
C ILE A 222 4.66 0.02 4.80
N ARG A 223 4.14 -1.05 5.40
CA ARG A 223 2.82 -1.59 5.08
C ARG A 223 1.97 -1.44 6.37
N MET A 224 1.01 -0.55 6.29
CA MET A 224 0.07 -0.25 7.39
C MET A 224 -1.12 -1.22 7.44
N ASP A 225 -1.37 -1.74 8.62
CA ASP A 225 -2.46 -2.71 8.90
C ASP A 225 -3.75 -2.02 9.34
N ALA A 226 -4.87 -2.61 9.08
CA ALA A 226 -6.22 -2.15 9.41
C ALA A 226 -6.42 -0.65 9.19
N VAL A 227 -6.08 -0.26 7.94
CA VAL A 227 -6.13 1.11 7.45
C VAL A 227 -7.54 1.70 7.62
N LYS A 228 -8.56 0.87 7.41
CA LYS A 228 -9.95 1.32 7.59
C LYS A 228 -10.41 1.13 9.02
N HIS A 229 -9.47 1.00 9.94
CA HIS A 229 -9.78 0.85 11.37
C HIS A 229 -9.24 2.07 12.08
N MET A 230 -8.40 2.83 11.46
CA MET A 230 -7.90 4.09 12.13
C MET A 230 -8.68 5.24 11.48
N PRO A 231 -8.89 6.31 12.21
CA PRO A 231 -9.64 7.50 11.81
C PRO A 231 -9.57 8.08 10.41
N PHE A 232 -8.42 8.53 9.99
CA PHE A 232 -8.13 9.18 8.72
C PHE A 232 -7.19 10.38 9.09
N GLY A 233 -7.73 11.21 9.93
CA GLY A 233 -7.07 12.41 10.42
C GLY A 233 -5.69 12.08 10.95
N TRP A 234 -5.74 11.13 11.90
CA TRP A 234 -4.57 10.67 12.60
C TRP A 234 -3.49 10.08 11.69
N GLN A 235 -3.95 9.27 10.76
CA GLN A 235 -3.11 8.57 9.78
C GLN A 235 -2.40 9.57 8.86
N LYS A 236 -3.12 10.59 8.46
CA LYS A 236 -2.55 11.64 7.58
C LYS A 236 -1.45 12.37 8.37
N SER A 237 -1.76 12.60 9.64
CA SER A 237 -0.78 13.29 10.50
C SER A 237 0.43 12.39 10.73
N LEU A 238 0.23 11.08 10.64
CA LEU A 238 1.39 10.18 10.85
C LEU A 238 2.24 10.25 9.57
N MET A 239 1.53 10.31 8.43
CA MET A 239 2.28 10.38 7.15
C MET A 239 3.05 11.72 7.15
N ASP A 240 2.41 12.76 7.72
CA ASP A 240 3.16 14.04 7.73
C ASP A 240 4.51 13.86 8.49
N GLU A 241 4.35 13.12 9.58
CA GLU A 241 5.41 12.73 10.47
C GLU A 241 6.53 11.96 9.77
N ILE A 242 6.18 10.91 8.97
CA ILE A 242 7.29 10.16 8.37
C ILE A 242 7.98 10.99 7.27
N ASP A 243 7.16 11.75 6.56
CA ASP A 243 7.72 12.56 5.45
C ASP A 243 8.70 13.64 5.92
N ASN A 244 8.35 14.34 6.99
CA ASN A 244 9.21 15.38 7.57
C ASN A 244 10.51 14.72 8.04
N TYR A 245 10.38 13.50 8.55
CA TYR A 245 11.47 12.73 9.10
C TYR A 245 12.45 12.18 8.08
N ARG A 246 11.90 11.32 7.25
CA ARG A 246 12.64 10.57 6.20
C ARG A 246 11.61 9.80 5.40
N PRO A 247 11.26 10.30 4.24
CA PRO A 247 10.23 9.67 3.42
C PRO A 247 10.62 8.22 3.12
N VAL A 248 9.63 7.39 3.23
CA VAL A 248 9.63 5.94 3.02
C VAL A 248 8.36 5.56 2.28
N PHE A 249 8.43 4.60 1.38
CA PHE A 249 7.21 4.22 0.62
C PHE A 249 6.22 3.53 1.61
N THR A 250 5.01 4.10 1.72
CA THR A 250 4.05 3.51 2.66
C THR A 250 2.71 3.17 2.06
N PHE A 251 2.21 1.99 2.45
CA PHE A 251 0.91 1.55 1.89
C PHE A 251 0.15 0.77 2.98
N GLY A 252 -1.14 1.04 2.91
CA GLY A 252 -2.17 0.52 3.78
C GLY A 252 -2.95 -0.60 3.09
N GLU A 253 -3.57 -1.36 3.95
CA GLU A 253 -4.40 -2.50 3.61
C GLU A 253 -5.84 -2.23 4.05
N TRP A 254 -6.65 -1.98 3.07
CA TRP A 254 -8.09 -1.71 3.17
C TRP A 254 -8.74 -2.85 2.36
N PHE A 255 -9.03 -3.88 3.14
CA PHE A 255 -9.62 -5.09 2.51
C PHE A 255 -10.87 -4.68 1.73
N LEU A 256 -10.96 -5.27 0.54
CA LEU A 256 -12.09 -5.13 -0.38
C LEU A 256 -12.52 -6.54 -0.84
N SER A 257 -13.84 -6.71 -0.88
CA SER A 257 -14.46 -7.97 -1.36
C SER A 257 -14.44 -8.07 -2.90
N GLU A 258 -14.69 -9.27 -3.35
CA GLU A 258 -14.80 -9.67 -4.75
C GLU A 258 -15.38 -8.63 -5.70
N ASN A 259 -16.56 -8.08 -5.47
CA ASN A 259 -17.04 -7.07 -6.48
C ASN A 259 -17.16 -5.71 -5.82
N GLU A 260 -16.39 -5.53 -4.77
CA GLU A 260 -16.47 -4.31 -3.98
C GLU A 260 -15.71 -3.09 -4.48
N VAL A 261 -16.51 -2.01 -4.46
CA VAL A 261 -15.99 -0.69 -4.84
C VAL A 261 -16.39 0.25 -3.69
N ASP A 262 -15.47 0.99 -3.12
CA ASP A 262 -15.81 1.93 -2.02
C ASP A 262 -15.05 3.25 -2.26
N ALA A 263 -15.80 4.29 -2.42
CA ALA A 263 -15.32 5.65 -2.66
C ALA A 263 -14.46 6.14 -1.48
N ASN A 264 -14.77 5.60 -0.31
CA ASN A 264 -14.00 6.01 0.90
C ASN A 264 -12.53 5.52 0.71
N ASN A 265 -12.46 4.29 0.21
CA ASN A 265 -11.13 3.66 0.01
C ASN A 265 -10.39 4.46 -1.07
N HIS A 266 -11.19 4.91 -2.04
CA HIS A 266 -10.64 5.69 -3.17
C HIS A 266 -9.97 6.96 -2.64
N TYR A 267 -10.69 7.61 -1.76
CA TYR A 267 -10.32 8.82 -1.06
C TYR A 267 -9.07 8.56 -0.20
N PHE A 268 -9.08 7.42 0.51
CA PHE A 268 -7.95 7.08 1.38
C PHE A 268 -6.66 7.03 0.54
N ALA A 269 -6.66 6.22 -0.55
CA ALA A 269 -5.44 6.14 -1.37
C ALA A 269 -5.02 7.52 -1.91
N ASN A 270 -5.97 8.31 -2.31
CA ASN A 270 -5.77 9.62 -2.92
C ASN A 270 -5.31 10.78 -2.02
N GLU A 271 -5.74 10.77 -0.78
CA GLU A 271 -5.49 11.86 0.15
C GLU A 271 -4.66 11.65 1.38
N SER A 272 -4.58 10.42 1.84
CA SER A 272 -3.86 10.10 3.09
C SER A 272 -2.36 10.28 3.06
N GLY A 273 -1.75 10.22 1.90
CA GLY A 273 -0.25 10.34 1.81
C GLY A 273 0.32 8.91 1.78
N MET A 274 -0.58 7.96 1.80
CA MET A 274 -0.20 6.52 1.76
C MET A 274 -0.97 5.91 0.60
N SER A 275 -0.40 4.94 -0.06
CA SER A 275 -1.06 4.25 -1.20
C SER A 275 -1.72 2.98 -0.64
N LEU A 276 -2.19 2.11 -1.52
CA LEU A 276 -2.93 0.91 -1.04
C LEU A 276 -2.81 -0.38 -1.80
N LEU A 277 -2.99 -1.49 -1.05
CA LEU A 277 -2.99 -2.84 -1.66
C LEU A 277 -4.12 -2.80 -2.69
N ASP A 278 -3.93 -3.27 -3.88
CA ASP A 278 -4.97 -3.19 -4.91
C ASP A 278 -5.88 -4.40 -4.97
N PHE A 279 -6.83 -4.47 -4.08
CA PHE A 279 -7.83 -5.53 -3.93
C PHE A 279 -8.76 -5.77 -5.13
N ARG A 280 -9.11 -4.66 -5.76
CA ARG A 280 -9.98 -4.60 -6.94
C ARG A 280 -9.29 -5.42 -8.05
N PHE A 281 -8.00 -5.09 -8.16
CA PHE A 281 -7.21 -5.83 -9.19
C PHE A 281 -7.15 -7.30 -8.72
N GLY A 282 -6.76 -7.41 -7.46
CA GLY A 282 -6.60 -8.69 -6.79
C GLY A 282 -7.74 -9.69 -7.09
N GLN A 283 -8.87 -9.37 -6.52
CA GLN A 283 -10.13 -10.05 -6.56
C GLN A 283 -10.60 -10.27 -8.01
N LYS A 284 -10.31 -9.22 -8.78
CA LYS A 284 -10.76 -9.26 -10.17
C LYS A 284 -9.98 -10.30 -10.97
N LEU A 285 -8.67 -10.30 -10.72
CA LEU A 285 -7.85 -11.27 -11.48
C LEU A 285 -8.25 -12.70 -11.10
N ARG A 286 -8.61 -12.79 -9.84
CA ARG A 286 -9.00 -14.05 -9.21
C ARG A 286 -10.24 -14.65 -9.85
N GLN A 287 -11.12 -13.76 -10.31
CA GLN A 287 -12.37 -14.13 -10.95
C GLN A 287 -12.19 -14.84 -12.30
N VAL A 288 -11.37 -14.23 -13.12
CA VAL A 288 -11.07 -14.63 -14.48
C VAL A 288 -10.11 -15.80 -14.62
N LEU A 289 -9.11 -15.86 -13.73
CA LEU A 289 -8.07 -16.86 -13.84
C LEU A 289 -8.13 -18.00 -12.87
N ARG A 290 -8.91 -17.87 -11.81
CA ARG A 290 -9.01 -18.96 -10.80
C ARG A 290 -10.45 -19.28 -10.43
N ASN A 291 -11.37 -18.34 -10.48
CA ASN A 291 -12.74 -18.55 -10.07
C ASN A 291 -13.75 -18.68 -11.15
N ASN A 292 -13.43 -18.24 -12.35
CA ASN A 292 -14.33 -18.30 -13.50
C ASN A 292 -15.67 -17.61 -13.18
N SER A 293 -15.60 -16.53 -12.45
CA SER A 293 -16.79 -15.77 -12.08
C SER A 293 -16.87 -14.51 -12.91
N ASP A 294 -15.82 -14.27 -13.67
CA ASP A 294 -15.80 -13.07 -14.56
C ASP A 294 -14.88 -13.38 -15.73
N ASN A 295 -14.91 -12.49 -16.70
CA ASN A 295 -14.06 -12.62 -17.90
C ASN A 295 -13.26 -11.31 -18.10
N TRP A 296 -12.59 -11.28 -19.22
CA TRP A 296 -11.71 -10.16 -19.59
C TRP A 296 -12.45 -8.84 -19.61
N TYR A 297 -13.70 -8.90 -20.03
CA TYR A 297 -14.52 -7.67 -20.13
C TYR A 297 -14.53 -6.95 -18.79
N GLY A 298 -14.80 -7.77 -17.78
CA GLY A 298 -14.83 -7.30 -16.38
C GLY A 298 -13.44 -6.71 -16.09
N PHE A 299 -12.44 -7.53 -16.33
CA PHE A 299 -11.04 -7.16 -16.05
C PHE A 299 -10.67 -5.80 -16.65
N ASN A 300 -11.07 -5.64 -17.88
CA ASN A 300 -10.86 -4.45 -18.70
C ASN A 300 -11.59 -3.26 -18.07
N GLN A 301 -12.88 -3.40 -17.76
CA GLN A 301 -13.55 -2.25 -17.10
C GLN A 301 -12.78 -1.97 -15.80
N MET A 302 -12.41 -3.08 -15.10
CA MET A 302 -11.64 -2.97 -13.87
C MET A 302 -10.44 -2.02 -14.07
N ILE A 303 -9.63 -2.34 -15.04
CA ILE A 303 -8.44 -1.52 -15.39
C ILE A 303 -8.82 -0.07 -15.70
N GLN A 304 -9.79 0.15 -16.56
CA GLN A 304 -10.24 1.49 -16.95
C GLN A 304 -10.76 2.34 -15.79
N ASP A 305 -11.70 1.83 -15.00
CA ASP A 305 -12.24 2.57 -13.86
C ASP A 305 -11.17 2.84 -12.80
N THR A 306 -10.29 1.88 -12.65
CA THR A 306 -9.18 1.94 -11.67
C THR A 306 -8.25 3.09 -11.90
N ALA A 307 -7.86 3.32 -13.13
CA ALA A 307 -6.96 4.41 -13.54
C ALA A 307 -7.68 5.74 -13.30
N SER A 308 -9.01 5.70 -13.27
CA SER A 308 -9.70 7.01 -13.02
C SER A 308 -10.04 7.17 -11.55
N ALA A 309 -10.13 6.04 -10.85
CA ALA A 309 -10.43 6.08 -9.42
C ALA A 309 -9.19 6.58 -8.68
N TYR A 310 -8.01 6.11 -9.08
CA TYR A 310 -6.79 6.51 -8.35
C TYR A 310 -5.95 7.53 -9.11
N ASP A 311 -5.56 8.58 -8.39
CA ASP A 311 -4.74 9.67 -8.89
C ASP A 311 -3.34 9.14 -9.24
N GLU A 312 -2.89 8.22 -8.43
CA GLU A 312 -1.58 7.57 -8.68
C GLU A 312 -1.78 6.06 -8.69
N VAL A 313 -2.46 5.56 -9.71
CA VAL A 313 -2.72 4.12 -9.82
C VAL A 313 -1.39 3.35 -9.77
N LEU A 314 -0.38 3.97 -10.33
CA LEU A 314 1.00 3.44 -10.38
C LEU A 314 1.51 3.08 -8.97
N ASP A 315 0.93 3.78 -7.99
CA ASP A 315 1.36 3.55 -6.58
C ASP A 315 0.64 2.39 -5.93
N GLN A 316 -0.40 1.88 -6.58
CA GLN A 316 -1.13 0.74 -5.92
C GLN A 316 -0.27 -0.51 -5.89
N VAL A 317 -0.46 -1.31 -4.83
CA VAL A 317 0.32 -2.56 -4.66
C VAL A 317 -0.56 -3.75 -5.06
N THR A 318 -0.13 -4.42 -6.10
CA THR A 318 -0.81 -5.56 -6.70
C THR A 318 -0.35 -6.91 -6.18
N PHE A 319 -1.24 -7.88 -6.41
CA PHE A 319 -1.10 -9.25 -5.98
C PHE A 319 -2.23 -10.13 -6.53
N ILE A 320 -1.96 -11.43 -6.52
CA ILE A 320 -2.92 -12.46 -6.92
C ILE A 320 -3.39 -13.15 -5.62
N ASP A 321 -2.69 -12.82 -4.53
CA ASP A 321 -3.05 -13.37 -3.23
C ASP A 321 -2.15 -12.74 -2.15
N ASN A 322 -2.44 -13.05 -0.90
CA ASN A 322 -1.69 -12.60 0.26
C ASN A 322 -1.99 -13.45 1.51
N HIS A 323 -1.42 -12.92 2.59
CA HIS A 323 -1.54 -13.52 3.92
C HIS A 323 -3.01 -13.68 4.32
N ASP A 324 -3.83 -12.75 3.76
CA ASP A 324 -5.24 -12.71 4.07
C ASP A 324 -6.22 -13.49 3.18
N MET A 325 -5.77 -14.06 2.08
CA MET A 325 -6.69 -14.78 1.21
C MET A 325 -6.37 -16.26 1.06
N ASP A 326 -7.23 -16.89 0.28
CA ASP A 326 -7.05 -18.32 -0.12
C ASP A 326 -5.95 -18.24 -1.22
N ARG A 327 -4.96 -19.10 -1.08
CA ARG A 327 -3.89 -19.11 -2.10
C ARG A 327 -4.55 -19.29 -3.50
N PHE A 328 -3.88 -18.68 -4.47
CA PHE A 328 -4.32 -18.77 -5.86
C PHE A 328 -4.49 -20.27 -6.21
N MET A 329 -3.46 -21.07 -5.99
CA MET A 329 -3.44 -22.50 -6.25
C MET A 329 -4.29 -23.32 -5.28
N ILE A 330 -5.15 -24.15 -5.87
CA ILE A 330 -5.99 -25.08 -5.07
C ILE A 330 -5.43 -26.50 -5.23
N ASP A 331 -5.73 -27.38 -4.29
CA ASP A 331 -5.25 -28.77 -4.49
C ASP A 331 -6.00 -29.29 -5.75
N GLY A 332 -5.16 -29.94 -6.54
CA GLY A 332 -5.68 -30.52 -7.77
C GLY A 332 -5.69 -29.47 -8.87
N GLY A 333 -5.65 -28.19 -8.55
CA GLY A 333 -5.64 -27.10 -9.53
C GLY A 333 -4.54 -27.28 -10.59
N ASP A 334 -4.71 -26.55 -11.63
CA ASP A 334 -3.91 -26.42 -12.85
C ASP A 334 -2.84 -25.34 -12.59
N PRO A 335 -1.62 -25.76 -12.44
CA PRO A 335 -0.51 -24.89 -12.11
C PRO A 335 -0.21 -23.84 -13.17
N ARG A 336 -0.56 -24.08 -14.43
CA ARG A 336 -0.27 -23.10 -15.47
C ARG A 336 -1.04 -21.79 -15.26
N LYS A 337 -2.15 -21.93 -14.53
CA LYS A 337 -3.01 -20.76 -14.24
C LYS A 337 -2.20 -19.77 -13.39
N VAL A 338 -1.39 -20.35 -12.52
CA VAL A 338 -0.53 -19.55 -11.63
C VAL A 338 0.44 -18.80 -12.54
N ASP A 339 1.13 -19.60 -13.36
CA ASP A 339 2.09 -19.02 -14.34
C ASP A 339 1.43 -17.83 -15.08
N MET A 340 0.20 -18.10 -15.52
CA MET A 340 -0.54 -17.07 -16.25
C MET A 340 -0.81 -15.82 -15.39
N ALA A 341 -1.33 -16.04 -14.20
CA ALA A 341 -1.64 -14.85 -13.34
C ALA A 341 -0.37 -14.04 -13.09
N LEU A 342 0.71 -14.74 -12.84
CA LEU A 342 2.07 -14.18 -12.59
C LEU A 342 2.46 -13.31 -13.78
N ALA A 343 2.37 -13.86 -14.98
CA ALA A 343 2.72 -13.12 -16.20
C ALA A 343 1.83 -11.86 -16.31
N VAL A 344 0.59 -12.02 -15.90
CA VAL A 344 -0.36 -10.89 -15.98
C VAL A 344 0.04 -9.82 -14.97
N LEU A 345 0.21 -10.32 -13.74
CA LEU A 345 0.58 -9.35 -12.68
C LEU A 345 1.86 -8.61 -12.99
N LEU A 346 2.92 -9.34 -13.30
CA LEU A 346 4.21 -8.62 -13.54
C LEU A 346 4.17 -7.60 -14.65
N THR A 347 3.20 -7.62 -15.55
CA THR A 347 3.22 -6.66 -16.68
C THR A 347 2.14 -5.61 -16.49
N SER A 348 1.39 -5.77 -15.42
CA SER A 348 0.29 -4.82 -15.11
C SER A 348 0.80 -3.58 -14.39
N ARG A 349 -0.05 -2.57 -14.40
CA ARG A 349 0.27 -1.29 -13.72
C ARG A 349 0.20 -1.57 -12.20
N GLY A 350 0.89 -0.76 -11.42
CA GLY A 350 0.99 -0.86 -9.96
C GLY A 350 2.27 -1.64 -9.61
N VAL A 351 2.66 -1.63 -8.36
CA VAL A 351 3.81 -2.30 -7.75
C VAL A 351 3.37 -3.74 -7.42
N PRO A 352 3.97 -4.70 -8.12
CA PRO A 352 3.68 -6.11 -7.95
C PRO A 352 4.31 -6.87 -6.79
N ASN A 353 3.41 -7.51 -6.04
CA ASN A 353 3.73 -8.32 -4.87
C ASN A 353 3.40 -9.81 -5.05
N ILE A 354 4.38 -10.63 -4.71
CA ILE A 354 4.26 -12.07 -4.75
C ILE A 354 4.38 -12.61 -3.29
N TYR A 355 3.36 -13.35 -2.96
CA TYR A 355 3.20 -14.01 -1.66
C TYR A 355 4.10 -15.26 -1.60
N TYR A 356 4.99 -15.29 -0.63
CA TYR A 356 5.90 -16.42 -0.47
C TYR A 356 5.28 -17.79 -0.84
N GLY A 357 6.06 -18.48 -1.69
CA GLY A 357 5.69 -19.81 -2.10
C GLY A 357 4.80 -19.84 -3.32
N THR A 358 4.41 -18.72 -3.89
CA THR A 358 3.62 -18.73 -5.13
C THR A 358 4.32 -19.50 -6.25
N GLU A 359 5.60 -19.30 -6.32
CA GLU A 359 6.55 -19.86 -7.26
C GLU A 359 6.82 -21.32 -6.95
N GLN A 360 6.19 -21.79 -5.86
CA GLN A 360 6.35 -23.24 -5.52
C GLN A 360 4.97 -23.90 -5.65
N TYR A 361 3.96 -23.13 -6.01
CA TYR A 361 2.60 -23.64 -6.12
C TYR A 361 2.02 -24.11 -4.79
N MET A 362 2.31 -23.46 -3.69
CA MET A 362 1.83 -23.86 -2.34
C MET A 362 0.32 -23.69 -2.28
N THR A 363 -0.34 -24.51 -1.44
CA THR A 363 -1.82 -24.45 -1.32
C THR A 363 -2.21 -24.29 0.15
N GLY A 364 -3.44 -23.93 0.36
CA GLY A 364 -4.06 -23.74 1.69
C GLY A 364 -5.17 -22.70 1.66
N ASN A 365 -6.37 -23.13 1.98
CA ASN A 365 -7.54 -22.24 2.03
C ASN A 365 -7.89 -21.79 3.45
N GLY A 366 -8.14 -20.51 3.64
CA GLY A 366 -8.52 -19.90 4.93
C GLY A 366 -7.32 -19.75 5.86
N ASP A 367 -7.50 -18.94 6.91
CA ASP A 367 -6.43 -18.73 7.94
C ASP A 367 -6.47 -19.90 8.91
N PRO A 368 -5.41 -20.58 9.24
CA PRO A 368 -4.02 -20.38 8.83
C PRO A 368 -3.49 -21.38 7.83
N ASN A 369 -4.36 -22.08 7.12
CA ASN A 369 -3.91 -23.03 6.09
C ASN A 369 -3.10 -22.33 4.98
N ASN A 370 -3.32 -21.03 4.90
CA ASN A 370 -2.70 -20.15 3.92
C ASN A 370 -1.33 -19.64 4.33
N ARG A 371 -0.84 -20.16 5.47
CA ARG A 371 0.46 -19.81 6.01
C ARG A 371 1.31 -21.02 6.43
N LYS A 372 1.31 -22.04 5.59
CA LYS A 372 2.16 -23.23 5.87
C LYS A 372 3.62 -22.77 5.79
N MET A 373 4.50 -23.61 6.25
CA MET A 373 5.96 -23.46 6.27
C MET A 373 6.47 -23.66 4.83
N MET A 374 7.36 -22.78 4.40
CA MET A 374 7.94 -22.82 3.04
C MET A 374 8.36 -24.24 2.66
N SER A 375 7.61 -24.79 1.71
CA SER A 375 7.81 -26.15 1.18
C SER A 375 9.13 -26.39 0.48
N SER A 376 9.46 -25.65 -0.57
CA SER A 376 10.71 -25.89 -1.29
C SER A 376 11.37 -24.65 -1.83
N PHE A 377 12.62 -24.89 -2.21
CA PHE A 377 13.48 -23.81 -2.76
C PHE A 377 13.94 -24.18 -4.17
N ASN A 378 13.05 -24.92 -4.81
CA ASN A 378 13.22 -25.40 -6.18
C ASN A 378 13.20 -24.15 -7.09
N LYS A 379 14.35 -23.90 -7.69
CA LYS A 379 14.50 -22.74 -8.56
C LYS A 379 14.18 -23.10 -9.99
N ASN A 380 13.67 -24.28 -10.31
CA ASN A 380 13.45 -24.63 -11.73
C ASN A 380 12.00 -24.58 -12.20
N THR A 381 11.05 -24.41 -11.32
CA THR A 381 9.63 -24.35 -11.66
C THR A 381 9.31 -23.23 -12.64
N ARG A 382 8.17 -23.44 -13.31
CA ARG A 382 7.75 -22.46 -14.33
C ARG A 382 7.48 -21.07 -13.73
N ALA A 383 6.81 -21.11 -12.58
CA ALA A 383 6.43 -19.86 -11.88
C ALA A 383 7.66 -18.98 -11.67
N TYR A 384 8.71 -19.55 -11.13
CA TYR A 384 9.98 -18.89 -10.82
C TYR A 384 10.61 -18.36 -12.11
N GLN A 385 10.64 -19.20 -13.17
CA GLN A 385 11.29 -18.67 -14.39
C GLN A 385 10.50 -17.47 -14.89
N VAL A 386 9.16 -17.56 -14.93
CA VAL A 386 8.42 -16.41 -15.44
C VAL A 386 8.73 -15.15 -14.61
N ILE A 387 8.89 -15.32 -13.32
CA ILE A 387 9.23 -14.10 -12.53
C ILE A 387 10.59 -13.57 -12.96
N GLN A 388 11.49 -14.51 -13.18
CA GLN A 388 12.88 -14.23 -13.59
C GLN A 388 12.87 -13.32 -14.84
N LYS A 389 12.19 -13.82 -15.87
CA LYS A 389 12.14 -13.08 -17.14
C LYS A 389 11.42 -11.75 -17.01
N LEU A 390 10.25 -11.79 -16.38
CA LEU A 390 9.44 -10.59 -16.27
C LEU A 390 10.06 -9.59 -15.36
N SER A 391 10.77 -10.04 -14.33
CA SER A 391 11.40 -9.07 -13.39
C SER A 391 12.44 -8.26 -14.16
N SER A 392 13.13 -8.98 -15.05
CA SER A 392 14.15 -8.25 -15.84
C SER A 392 13.48 -7.26 -16.80
N LEU A 393 12.45 -7.63 -17.52
CA LEU A 393 11.72 -6.71 -18.41
C LEU A 393 11.28 -5.43 -17.68
N ARG A 394 10.70 -5.68 -16.49
CA ARG A 394 10.19 -4.60 -15.67
C ARG A 394 11.30 -3.64 -15.27
N ARG A 395 12.47 -4.17 -15.04
CA ARG A 395 13.67 -3.38 -14.65
C ARG A 395 14.20 -2.65 -15.87
N ASN A 396 13.96 -3.29 -16.99
CA ASN A 396 14.42 -2.82 -18.29
C ASN A 396 13.46 -1.91 -19.01
N ASN A 397 12.27 -2.31 -19.36
CA ASN A 397 11.30 -1.49 -20.13
C ASN A 397 10.45 -0.63 -19.22
N PRO A 398 10.64 0.68 -19.31
CA PRO A 398 9.93 1.66 -18.50
C PRO A 398 8.41 1.64 -18.60
N ALA A 399 7.91 1.10 -19.71
CA ALA A 399 6.44 1.04 -19.91
C ALA A 399 5.80 0.22 -18.80
N LEU A 400 6.59 -0.77 -18.32
CA LEU A 400 6.08 -1.61 -17.23
C LEU A 400 5.90 -0.85 -15.94
N ALA A 401 6.83 0.00 -15.54
CA ALA A 401 6.69 0.75 -14.28
C ALA A 401 5.74 1.92 -14.36
N TYR A 402 5.77 2.60 -15.55
CA TYR A 402 5.02 3.82 -15.73
C TYR A 402 4.00 3.97 -16.82
N GLY A 403 3.89 3.00 -17.69
CA GLY A 403 2.96 3.14 -18.82
C GLY A 403 1.52 2.98 -18.42
N ASP A 404 0.65 3.48 -19.31
CA ASP A 404 -0.79 3.28 -19.00
C ASP A 404 -1.16 1.94 -19.68
N THR A 405 -2.41 1.63 -19.65
CA THR A 405 -2.98 0.41 -20.22
C THR A 405 -4.07 0.66 -21.26
N GLU A 406 -3.82 0.01 -22.39
CA GLU A 406 -4.78 0.05 -23.51
C GLU A 406 -5.05 -1.36 -24.03
N GLN A 407 -6.32 -1.68 -24.08
CA GLN A 407 -6.91 -2.95 -24.56
C GLN A 407 -6.71 -2.95 -26.09
N ARG A 408 -6.08 -3.94 -26.66
CA ARG A 408 -5.90 -3.95 -28.11
C ARG A 408 -6.75 -5.04 -28.74
N TRP A 409 -7.24 -5.91 -27.89
CA TRP A 409 -8.04 -7.07 -28.30
C TRP A 409 -8.62 -7.79 -27.09
N ILE A 410 -9.80 -8.38 -27.35
CA ILE A 410 -10.52 -9.07 -26.27
C ILE A 410 -11.74 -9.86 -26.70
N ASN A 411 -11.89 -10.95 -26.05
CA ASN A 411 -12.83 -12.05 -25.99
C ASN A 411 -13.09 -12.19 -24.44
N GLY A 412 -14.08 -13.02 -24.15
CA GLY A 412 -14.29 -13.33 -22.71
C GLY A 412 -13.01 -14.14 -22.31
N ASP A 413 -12.39 -14.74 -23.31
CA ASP A 413 -11.25 -15.60 -23.23
C ASP A 413 -9.85 -15.07 -23.50
N VAL A 414 -9.79 -14.23 -24.50
CA VAL A 414 -8.59 -13.60 -24.99
C VAL A 414 -8.61 -12.11 -24.62
N TYR A 415 -7.44 -11.69 -24.17
CA TYR A 415 -7.17 -10.30 -23.78
C TYR A 415 -5.74 -9.94 -24.21
N VAL A 416 -5.71 -8.87 -25.00
CA VAL A 416 -4.36 -8.41 -25.41
C VAL A 416 -4.28 -6.93 -25.10
N TYR A 417 -3.47 -6.69 -24.07
CA TYR A 417 -3.21 -5.36 -23.53
C TYR A 417 -1.79 -4.87 -23.84
N GLU A 418 -1.78 -3.53 -23.94
CA GLU A 418 -0.57 -2.79 -24.28
C GLU A 418 -0.21 -1.78 -23.21
N ARG A 419 1.06 -1.73 -22.91
CA ARG A 419 1.71 -0.85 -21.98
C ARG A 419 2.69 0.06 -22.74
N GLN A 420 2.47 1.36 -22.55
CA GLN A 420 3.30 2.36 -23.24
C GLN A 420 3.66 3.54 -22.34
N PHE A 421 4.89 3.93 -22.47
CA PHE A 421 5.46 5.12 -21.80
C PHE A 421 6.43 5.75 -22.81
N GLY A 422 5.96 6.85 -23.38
CA GLY A 422 6.80 7.55 -24.43
C GLY A 422 6.70 6.61 -25.67
N LYS A 423 7.85 6.16 -26.10
CA LYS A 423 8.04 5.25 -27.22
C LYS A 423 8.11 3.82 -26.71
N ASP A 424 8.24 3.72 -25.39
CA ASP A 424 8.38 2.41 -24.77
C ASP A 424 7.04 1.68 -24.84
N VAL A 425 7.15 0.43 -25.32
CA VAL A 425 5.93 -0.38 -25.40
C VAL A 425 6.19 -1.85 -25.21
N VAL A 426 5.17 -2.40 -24.51
CA VAL A 426 5.17 -3.84 -24.21
C VAL A 426 3.76 -4.35 -24.52
N LEU A 427 3.72 -5.29 -25.43
CA LEU A 427 2.45 -5.90 -25.85
C LEU A 427 2.31 -7.28 -25.21
N VAL A 428 1.07 -7.53 -24.80
CA VAL A 428 0.78 -8.82 -24.12
C VAL A 428 -0.64 -9.35 -24.43
N ALA A 429 -0.54 -10.63 -24.80
CA ALA A 429 -1.70 -11.45 -25.15
C ALA A 429 -1.77 -12.73 -24.32
N VAL A 430 -3.00 -13.00 -23.86
CA VAL A 430 -3.33 -14.17 -23.06
C VAL A 430 -4.70 -14.74 -23.40
N ASN A 431 -4.65 -16.05 -23.56
CA ASN A 431 -5.78 -16.95 -23.82
C ASN A 431 -5.99 -17.75 -22.51
N ARG A 432 -7.04 -17.42 -21.79
CA ARG A 432 -7.28 -18.07 -20.49
C ARG A 432 -7.87 -19.46 -20.60
N SER A 433 -8.39 -19.72 -21.79
CA SER A 433 -9.04 -20.98 -22.12
C SER A 433 -8.02 -22.13 -22.02
N SER A 434 -8.64 -23.28 -21.72
CA SER A 434 -7.98 -24.55 -21.56
C SER A 434 -8.27 -25.39 -22.82
N SER A 435 -9.21 -24.90 -23.62
CA SER A 435 -9.54 -25.71 -24.83
C SER A 435 -9.80 -24.95 -26.07
N SER A 436 -10.37 -23.80 -26.10
CA SER A 436 -10.62 -23.04 -27.37
C SER A 436 -9.35 -22.33 -27.81
N ASN A 437 -9.25 -22.17 -29.11
CA ASN A 437 -8.10 -21.55 -29.79
C ASN A 437 -8.55 -20.35 -30.60
N TYR A 438 -7.62 -19.44 -30.87
CA TYR A 438 -7.96 -18.26 -31.65
C TYR A 438 -6.88 -17.82 -32.62
N SER A 439 -7.42 -17.01 -33.51
CA SER A 439 -6.64 -16.37 -34.60
C SER A 439 -6.85 -14.85 -34.55
N ILE A 440 -5.86 -14.29 -33.89
CA ILE A 440 -5.80 -12.85 -33.62
C ILE A 440 -5.57 -12.09 -34.94
N THR A 441 -6.66 -11.58 -35.49
CA THR A 441 -6.60 -10.78 -36.72
C THR A 441 -7.08 -9.39 -36.36
N GLY A 442 -6.67 -8.41 -37.13
CA GLY A 442 -7.07 -7.03 -36.89
C GLY A 442 -6.47 -6.58 -35.56
N LEU A 443 -5.32 -7.15 -35.21
CA LEU A 443 -4.64 -6.68 -34.00
C LEU A 443 -3.77 -5.49 -34.46
N PHE A 444 -3.78 -4.47 -33.60
CA PHE A 444 -3.05 -3.22 -33.88
C PHE A 444 -2.20 -2.87 -32.67
N THR A 445 -0.98 -2.39 -32.98
CA THR A 445 -0.01 -2.07 -31.94
C THR A 445 0.81 -0.81 -32.13
N ALA A 446 1.33 -0.32 -31.00
CA ALA A 446 2.22 0.84 -30.94
C ALA A 446 3.67 0.41 -31.22
N LEU A 447 3.92 -0.90 -31.27
CA LEU A 447 5.30 -1.33 -31.55
C LEU A 447 5.75 -0.92 -32.97
N PRO A 448 6.98 -0.46 -33.03
CA PRO A 448 7.60 -0.12 -34.31
C PRO A 448 7.51 -1.35 -35.22
N ALA A 449 7.31 -1.08 -36.50
CA ALA A 449 7.22 -2.19 -37.49
C ALA A 449 8.49 -3.04 -37.29
N GLY A 450 8.32 -4.36 -37.22
CA GLY A 450 9.42 -5.29 -37.04
C GLY A 450 8.96 -6.71 -36.68
N THR A 451 9.94 -7.47 -36.20
CA THR A 451 9.83 -8.83 -35.75
C THR A 451 10.20 -8.93 -34.26
N TYR A 452 9.30 -9.56 -33.51
CA TYR A 452 9.53 -9.64 -32.06
C TYR A 452 9.45 -11.06 -31.53
N THR A 453 10.45 -11.39 -30.71
CA THR A 453 10.41 -12.74 -30.08
C THR A 453 9.69 -12.58 -28.72
N ASP A 454 9.02 -13.64 -28.31
CA ASP A 454 8.30 -13.56 -26.99
C ASP A 454 9.30 -13.26 -25.87
N GLN A 455 8.99 -12.30 -25.01
CA GLN A 455 9.88 -11.97 -23.89
C GLN A 455 9.89 -13.09 -22.83
N LEU A 456 9.05 -14.10 -22.99
CA LEU A 456 8.96 -15.24 -22.11
C LEU A 456 9.89 -16.40 -22.55
N GLY A 457 10.32 -16.29 -23.80
CA GLY A 457 11.15 -17.35 -24.41
C GLY A 457 10.29 -18.57 -24.66
N GLY A 458 8.98 -18.42 -24.78
CA GLY A 458 8.11 -19.58 -25.00
C GLY A 458 7.70 -20.35 -23.76
N LEU A 459 8.00 -19.85 -22.56
CA LEU A 459 7.63 -20.50 -21.29
C LEU A 459 6.14 -20.86 -21.33
N LEU A 460 5.35 -20.04 -21.98
CA LEU A 460 3.90 -20.30 -22.07
C LEU A 460 3.51 -20.46 -23.53
N ASP A 461 4.37 -21.06 -24.35
CA ASP A 461 4.17 -21.27 -25.78
C ASP A 461 4.03 -19.95 -26.56
N GLY A 462 4.80 -19.00 -26.12
CA GLY A 462 4.87 -17.66 -26.69
C GLY A 462 5.63 -17.77 -28.03
N ASN A 463 5.02 -17.07 -28.94
CA ASN A 463 5.36 -16.89 -30.35
C ASN A 463 6.25 -15.68 -30.66
N THR A 464 6.58 -15.65 -31.94
CA THR A 464 7.32 -14.57 -32.58
C THR A 464 6.26 -13.83 -33.45
N ILE A 465 6.20 -12.53 -33.28
CA ILE A 465 5.25 -11.77 -34.07
C ILE A 465 6.04 -10.80 -34.95
N GLN A 466 5.30 -10.38 -35.95
CA GLN A 466 5.71 -9.45 -37.01
C GLN A 466 4.78 -8.23 -37.11
N VAL A 467 5.46 -7.07 -37.08
CA VAL A 467 4.73 -5.80 -37.21
C VAL A 467 5.06 -5.29 -38.62
N GLY A 468 3.97 -5.05 -39.34
CA GLY A 468 4.00 -4.54 -40.71
C GLY A 468 3.61 -3.07 -40.77
N SER A 469 2.92 -2.76 -41.87
CA SER A 469 2.46 -1.37 -42.07
C SER A 469 1.19 -1.11 -41.24
N ASN A 470 1.14 0.13 -40.80
CA ASN A 470 0.07 0.71 -40.02
C ASN A 470 -0.12 0.13 -38.65
N GLY A 471 0.91 -0.43 -38.08
CA GLY A 471 0.86 -0.98 -36.72
C GLY A 471 0.05 -2.27 -36.73
N SER A 472 -0.12 -2.82 -37.94
CA SER A 472 -0.84 -4.07 -38.07
C SER A 472 0.09 -5.28 -37.79
N VAL A 473 -0.46 -6.13 -36.93
CA VAL A 473 0.22 -7.39 -36.58
C VAL A 473 -0.42 -8.48 -37.46
N ASN A 474 0.49 -9.32 -37.92
CA ASN A 474 0.16 -10.48 -38.75
C ASN A 474 -0.66 -11.47 -37.92
N ALA A 475 -1.67 -12.02 -38.59
CA ALA A 475 -2.51 -13.01 -37.94
C ALA A 475 -1.57 -14.08 -37.35
N PHE A 476 -2.04 -14.56 -36.22
CA PHE A 476 -1.35 -15.63 -35.48
C PHE A 476 -2.42 -16.30 -34.58
N ASP A 477 -2.09 -17.55 -34.34
CA ASP A 477 -2.87 -18.43 -33.49
C ASP A 477 -2.39 -18.28 -32.05
N LEU A 478 -3.44 -18.35 -31.24
CA LEU A 478 -3.37 -18.28 -29.79
C LEU A 478 -4.19 -19.45 -29.24
N GLY A 479 -3.41 -20.41 -28.80
CA GLY A 479 -3.96 -21.67 -28.22
C GLY A 479 -4.22 -21.49 -26.73
N PRO A 480 -4.81 -22.53 -26.17
CA PRO A 480 -5.17 -22.54 -24.74
C PRO A 480 -3.95 -22.41 -23.82
N GLY A 481 -4.02 -21.45 -22.92
CA GLY A 481 -3.02 -21.16 -21.91
C GLY A 481 -1.81 -20.43 -22.45
N GLU A 482 -1.93 -19.99 -23.68
CA GLU A 482 -0.88 -19.24 -24.39
C GLU A 482 -0.70 -17.81 -23.83
N VAL A 483 0.55 -17.43 -23.71
CA VAL A 483 0.95 -16.09 -23.23
C VAL A 483 2.19 -15.70 -24.03
N GLY A 484 2.17 -14.51 -24.61
CA GLY A 484 3.36 -14.01 -25.38
C GLY A 484 3.56 -12.56 -24.95
N VAL A 485 4.80 -12.13 -24.88
CA VAL A 485 5.18 -10.79 -24.47
C VAL A 485 6.24 -10.20 -25.40
N TRP A 486 5.89 -9.07 -25.96
CA TRP A 486 6.75 -8.32 -26.91
C TRP A 486 7.00 -6.92 -26.42
N ALA A 487 8.27 -6.50 -26.47
CA ALA A 487 8.57 -5.15 -25.95
C ALA A 487 9.43 -4.38 -26.93
N TYR A 488 9.27 -3.08 -26.75
CA TYR A 488 10.03 -2.14 -27.55
C TYR A 488 10.39 -0.99 -26.61
N SER A 489 11.68 -0.75 -26.69
CA SER A 489 12.34 0.32 -25.91
C SER A 489 13.23 1.09 -26.90
N ALA A 490 13.46 2.33 -26.54
CA ALA A 490 14.24 3.28 -27.32
C ALA A 490 14.47 4.54 -26.48
N THR A 491 15.53 5.21 -26.82
CA THR A 491 15.91 6.47 -26.16
C THR A 491 14.82 7.52 -26.36
N GLU A 492 14.66 8.28 -25.31
CA GLU A 492 13.72 9.41 -25.28
C GLU A 492 14.61 10.66 -25.34
N SER A 493 14.03 11.75 -25.79
CA SER A 493 14.78 13.03 -25.86
C SER A 493 13.81 14.20 -25.63
N THR A 494 12.65 13.79 -25.19
CA THR A 494 11.54 14.68 -24.82
C THR A 494 11.25 14.26 -23.36
N PRO A 495 11.32 15.27 -22.50
CA PRO A 495 11.08 15.12 -21.07
C PRO A 495 9.69 14.55 -20.78
N ILE A 496 9.75 13.39 -20.13
CA ILE A 496 8.53 12.65 -19.72
C ILE A 496 8.61 12.25 -18.24
N ILE A 497 7.53 12.63 -17.52
CA ILE A 497 7.50 12.30 -16.08
C ILE A 497 6.72 11.00 -15.87
N GLY A 498 7.49 10.03 -15.39
CA GLY A 498 7.10 8.70 -15.05
C GLY A 498 6.53 8.54 -13.66
N HIS A 499 7.09 9.16 -12.65
CA HIS A 499 6.64 9.05 -11.26
C HIS A 499 7.11 10.21 -10.40
N VAL A 500 6.32 10.51 -9.36
CA VAL A 500 6.74 11.54 -8.39
C VAL A 500 6.50 10.99 -6.97
N GLY A 501 7.55 11.15 -6.15
CA GLY A 501 7.45 10.68 -4.79
C GLY A 501 8.28 11.43 -3.78
N PRO A 502 7.70 11.69 -2.60
CA PRO A 502 6.31 11.36 -2.24
C PRO A 502 5.37 12.31 -3.02
N MET A 503 4.10 12.32 -2.65
CA MET A 503 3.08 13.16 -3.31
C MET A 503 2.54 14.25 -2.38
N MET A 504 3.16 14.26 -1.21
CA MET A 504 2.82 15.17 -0.11
C MET A 504 4.08 15.71 0.54
N GLY A 505 3.97 16.98 0.99
CA GLY A 505 5.13 17.57 1.69
C GLY A 505 4.83 18.97 2.22
N GLN A 506 5.93 19.46 2.78
CA GLN A 506 6.02 20.80 3.36
C GLN A 506 6.95 21.55 2.36
N VAL A 507 7.16 22.81 2.64
CA VAL A 507 8.06 23.69 1.89
C VAL A 507 9.49 23.29 2.28
N GLY A 508 10.26 23.00 1.22
CA GLY A 508 11.66 22.61 1.44
C GLY A 508 11.88 21.13 1.58
N HIS A 509 10.85 20.30 1.43
CA HIS A 509 11.07 18.83 1.46
C HIS A 509 11.76 18.34 0.19
N GLN A 510 12.19 17.08 0.23
CA GLN A 510 12.88 16.51 -0.94
C GLN A 510 11.89 15.69 -1.74
N VAL A 511 11.78 16.00 -3.01
CA VAL A 511 10.83 15.28 -3.91
C VAL A 511 11.67 14.69 -5.04
N THR A 512 11.40 13.42 -5.34
CA THR A 512 12.13 12.75 -6.41
C THR A 512 11.23 12.57 -7.63
N ILE A 513 11.80 12.91 -8.78
CA ILE A 513 11.13 12.76 -10.07
C ILE A 513 11.84 11.71 -10.89
N ASP A 514 11.10 10.77 -11.40
CA ASP A 514 11.65 9.69 -12.22
C ASP A 514 11.01 9.78 -13.61
N GLY A 515 11.85 9.58 -14.63
CA GLY A 515 11.38 9.59 -16.02
C GLY A 515 12.52 9.35 -17.01
N GLU A 516 12.35 10.04 -18.14
CA GLU A 516 13.23 10.00 -19.29
C GLU A 516 13.11 11.30 -20.10
N GLY A 517 14.19 11.56 -20.83
CA GLY A 517 14.33 12.76 -21.68
C GLY A 517 14.61 13.98 -20.80
N PHE A 518 15.10 13.68 -19.57
CA PHE A 518 15.37 14.81 -18.65
C PHE A 518 16.58 15.56 -19.21
N GLY A 519 17.42 14.78 -19.86
CA GLY A 519 18.66 15.35 -20.44
C GLY A 519 19.70 15.44 -19.31
N THR A 520 20.92 15.24 -19.73
CA THR A 520 22.10 15.30 -18.84
C THR A 520 22.30 16.72 -18.35
N ASN A 521 21.91 17.68 -19.19
CA ASN A 521 22.14 19.08 -18.68
C ASN A 521 20.95 19.44 -17.80
N THR A 522 21.25 19.91 -16.61
CA THR A 522 20.22 20.32 -15.63
C THR A 522 19.42 21.48 -16.25
N GLY A 523 18.12 21.37 -16.14
CA GLY A 523 17.15 22.34 -16.67
C GLY A 523 16.45 23.03 -15.49
N THR A 524 15.15 23.13 -15.64
CA THR A 524 14.25 23.76 -14.66
C THR A 524 13.05 22.89 -14.37
N VAL A 525 12.55 22.94 -13.17
CA VAL A 525 11.39 22.25 -12.64
C VAL A 525 10.43 23.27 -11.97
N LYS A 526 9.16 23.09 -12.22
CA LYS A 526 8.09 23.91 -11.72
C LYS A 526 6.92 23.15 -11.06
N PHE A 527 6.47 23.85 -10.03
CA PHE A 527 5.32 23.49 -9.18
C PHE A 527 4.32 24.64 -9.55
N GLY A 528 3.44 24.26 -10.45
CA GLY A 528 2.43 25.24 -10.93
C GLY A 528 3.23 26.22 -11.80
N THR A 529 3.40 27.39 -11.24
CA THR A 529 4.18 28.44 -11.96
C THR A 529 5.55 28.70 -11.38
N THR A 530 5.84 28.26 -10.16
CA THR A 530 7.13 28.53 -9.52
C THR A 530 8.24 27.53 -9.78
N ALA A 531 9.39 28.07 -10.11
CA ALA A 531 10.61 27.29 -10.34
C ALA A 531 11.08 26.82 -8.96
N ALA A 532 11.48 25.56 -8.96
CA ALA A 532 11.96 24.84 -7.80
C ALA A 532 13.47 24.67 -7.81
N ASN A 533 14.09 24.99 -6.69
CA ASN A 533 15.56 24.82 -6.57
C ASN A 533 15.82 23.35 -6.79
N VAL A 534 16.79 22.99 -7.63
CA VAL A 534 17.05 21.55 -7.81
C VAL A 534 18.33 21.18 -7.02
N VAL A 535 18.27 19.96 -6.50
CA VAL A 535 19.41 19.43 -5.73
C VAL A 535 20.23 18.48 -6.60
N SER A 536 19.67 17.93 -7.67
CA SER A 536 20.37 16.99 -8.52
C SER A 536 19.52 16.64 -9.74
N TRP A 537 20.28 16.65 -10.84
CA TRP A 537 19.67 16.41 -12.16
C TRP A 537 20.43 15.32 -12.89
N SER A 538 19.63 14.60 -13.59
CA SER A 538 19.97 13.49 -14.48
C SER A 538 18.73 13.31 -15.39
N ASN A 539 19.04 12.75 -16.52
CA ASN A 539 18.14 12.46 -17.62
C ASN A 539 16.99 11.49 -17.26
N ASN A 540 17.17 10.86 -16.13
CA ASN A 540 16.29 9.85 -15.58
C ASN A 540 15.54 10.29 -14.30
N GLN A 541 16.34 10.97 -13.50
CA GLN A 541 15.88 11.39 -12.19
C GLN A 541 16.41 12.73 -11.74
N ILE A 542 15.55 13.44 -11.07
CA ILE A 542 15.89 14.76 -10.52
C ILE A 542 15.21 14.85 -9.15
N VAL A 543 15.99 15.35 -8.23
CA VAL A 543 15.55 15.60 -6.85
C VAL A 543 15.57 17.14 -6.72
N VAL A 544 14.47 17.56 -6.08
CA VAL A 544 14.22 19.01 -5.94
C VAL A 544 13.64 19.32 -4.60
N ALA A 545 13.67 20.56 -4.17
CA ALA A 545 13.04 20.92 -2.86
C ALA A 545 11.79 21.68 -3.22
N VAL A 546 10.69 21.41 -2.56
CA VAL A 546 9.42 22.13 -2.89
C VAL A 546 9.70 23.61 -2.69
N PRO A 547 9.31 24.41 -3.67
CA PRO A 547 9.51 25.88 -3.58
C PRO A 547 8.61 26.44 -2.49
N ASN A 548 8.72 27.77 -2.28
CA ASN A 548 7.87 28.38 -1.22
C ASN A 548 6.57 28.88 -1.84
N VAL A 549 5.65 27.97 -2.05
CA VAL A 549 4.34 28.29 -2.63
C VAL A 549 3.29 28.19 -1.52
N SER A 550 2.12 28.67 -1.88
CA SER A 550 1.00 28.61 -0.91
C SER A 550 0.54 27.15 -0.86
N PRO A 551 -0.04 26.85 0.29
CA PRO A 551 -0.53 25.45 0.51
C PRO A 551 -1.53 25.15 -0.58
N GLY A 552 -1.68 23.89 -0.95
CA GLY A 552 -2.60 23.47 -2.02
C GLY A 552 -2.01 22.41 -2.93
N LYS A 553 -2.70 22.23 -4.07
CA LYS A 553 -2.28 21.21 -5.05
C LYS A 553 -1.61 21.91 -6.23
N TYR A 554 -0.52 21.28 -6.65
CA TYR A 554 0.26 21.81 -7.77
C TYR A 554 0.59 20.72 -8.79
N ASN A 555 0.79 21.25 -9.99
CA ASN A 555 1.19 20.42 -11.14
C ASN A 555 2.70 20.57 -11.28
N ILE A 556 3.32 19.51 -11.73
CA ILE A 556 4.76 19.47 -11.94
C ILE A 556 4.99 19.14 -13.42
N THR A 557 5.82 19.96 -13.96
CA THR A 557 6.33 20.00 -15.30
C THR A 557 7.88 19.97 -15.20
N VAL A 558 8.44 19.47 -16.25
CA VAL A 558 9.88 19.39 -16.49
C VAL A 558 10.18 19.95 -17.88
N GLN A 559 11.15 20.86 -17.81
CA GLN A 559 11.68 21.55 -18.97
C GLN A 559 13.21 21.32 -19.07
N SER A 560 13.58 20.66 -20.14
CA SER A 560 15.02 20.38 -20.38
C SER A 560 15.62 21.72 -20.82
N SER A 561 16.90 21.90 -20.60
CA SER A 561 17.66 23.11 -20.91
C SER A 561 17.58 23.53 -22.39
N SER A 562 17.05 22.61 -23.18
CA SER A 562 16.80 22.78 -24.60
C SER A 562 15.41 23.36 -24.83
N GLY A 563 14.67 23.61 -23.76
CA GLY A 563 13.36 24.21 -23.86
C GLY A 563 12.16 23.30 -23.87
N GLN A 564 12.35 22.03 -24.22
CA GLN A 564 11.21 21.09 -24.20
C GLN A 564 10.65 21.13 -22.75
N THR A 565 9.38 20.91 -22.64
CA THR A 565 8.63 20.91 -21.38
C THR A 565 7.67 19.73 -21.35
N SER A 566 7.80 18.91 -20.35
CA SER A 566 7.04 17.68 -20.13
C SER A 566 5.56 17.90 -19.87
N ALA A 567 4.73 16.91 -20.16
CA ALA A 567 3.26 17.07 -19.80
C ALA A 567 3.32 17.10 -18.27
N ALA A 568 2.36 17.65 -17.57
CA ALA A 568 2.48 17.72 -16.10
C ALA A 568 2.10 16.42 -15.39
N TYR A 569 2.52 16.39 -14.15
CA TYR A 569 2.25 15.25 -13.23
C TYR A 569 1.44 15.96 -12.13
N ASP A 570 0.22 15.51 -11.96
CA ASP A 570 -0.78 16.06 -11.09
C ASP A 570 -0.89 15.69 -9.62
N ASN A 571 -1.38 16.72 -8.89
CA ASN A 571 -1.74 16.63 -7.49
C ASN A 571 -0.63 16.60 -6.47
N PHE A 572 0.49 17.30 -6.67
CA PHE A 572 1.51 17.28 -5.58
C PHE A 572 0.84 18.15 -4.48
N GLU A 573 0.82 17.63 -3.26
CA GLU A 573 0.19 18.45 -2.22
C GLU A 573 1.21 19.08 -1.28
N VAL A 574 1.08 20.37 -1.15
CA VAL A 574 1.90 21.23 -0.29
C VAL A 574 1.03 21.54 0.94
N LEU A 575 1.52 21.06 2.08
CA LEU A 575 0.83 21.28 3.36
C LEU A 575 1.30 22.55 4.05
N THR A 576 0.35 23.23 4.66
CA THR A 576 0.58 24.48 5.36
C THR A 576 1.74 24.43 6.35
N ASN A 577 1.79 23.28 7.03
CA ASN A 577 2.81 23.12 8.10
C ASN A 577 2.68 21.71 8.71
N ASP A 578 3.57 21.47 9.65
CA ASP A 578 3.59 20.22 10.44
C ASP A 578 2.13 19.92 10.89
N GLN A 579 1.77 18.68 10.71
CA GLN A 579 0.40 18.21 11.05
C GLN A 579 0.28 17.62 12.44
N VAL A 580 -0.93 17.80 12.95
CA VAL A 580 -1.32 17.29 14.27
C VAL A 580 -2.73 16.72 14.11
N SER A 581 -3.12 15.82 14.98
CA SER A 581 -4.50 15.28 14.84
C SER A 581 -5.42 16.02 15.82
N VAL A 582 -6.40 16.77 15.26
CA VAL A 582 -7.34 17.47 16.13
C VAL A 582 -8.77 16.90 15.98
N ARG A 583 -9.34 16.71 17.14
CA ARG A 583 -10.73 16.19 17.29
C ARG A 583 -11.74 17.34 17.39
N PHE A 584 -12.46 17.58 16.32
CA PHE A 584 -13.48 18.63 16.23
C PHE A 584 -14.84 18.05 16.63
N VAL A 585 -15.40 18.62 17.69
CA VAL A 585 -16.71 18.14 18.18
C VAL A 585 -17.75 19.26 18.12
N VAL A 586 -18.93 18.89 17.62
CA VAL A 586 -20.03 19.83 17.53
C VAL A 586 -21.29 19.26 18.21
N ASN A 587 -21.85 20.07 19.11
CA ASN A 587 -23.07 19.71 19.84
C ASN A 587 -24.37 20.33 19.26
N ASN A 588 -25.44 19.58 19.46
CA ASN A 588 -26.77 20.10 19.09
C ASN A 588 -26.87 20.45 17.61
N ALA A 589 -26.28 19.56 16.83
CA ALA A 589 -26.29 19.70 15.35
C ALA A 589 -27.35 18.71 14.81
N THR A 590 -28.61 19.15 14.85
CA THR A 590 -29.70 18.29 14.37
C THR A 590 -29.74 18.33 12.84
N THR A 591 -30.30 17.29 12.26
CA THR A 591 -30.35 17.16 10.81
C THR A 591 -31.61 16.56 10.24
N ASN A 592 -31.64 16.67 8.91
CA ASN A 592 -32.69 16.15 8.04
C ASN A 592 -32.23 14.80 7.42
N LEU A 593 -32.90 14.49 6.35
CA LEU A 593 -32.78 13.37 5.43
C LEU A 593 -31.40 12.76 5.33
N GLY A 594 -30.80 13.05 4.20
CA GLY A 594 -29.44 12.57 3.86
C GLY A 594 -28.44 13.53 4.51
N GLN A 595 -29.00 14.60 4.98
CA GLN A 595 -28.26 15.70 5.61
C GLN A 595 -27.18 15.19 6.55
N ASN A 596 -26.00 15.78 6.41
CA ASN A 596 -24.84 15.49 7.24
C ASN A 596 -24.07 16.80 7.54
N ILE A 597 -23.33 16.71 8.65
CA ILE A 597 -22.50 17.77 9.12
C ILE A 597 -21.08 17.58 8.53
N TYR A 598 -20.52 18.73 8.26
CA TYR A 598 -19.17 18.92 7.74
C TYR A 598 -18.55 20.09 8.51
N ILE A 599 -17.26 20.22 8.28
CA ILE A 599 -16.43 21.29 8.85
C ILE A 599 -15.67 21.94 7.69
N VAL A 600 -15.64 23.21 7.76
CA VAL A 600 -14.95 24.13 6.81
C VAL A 600 -14.37 25.27 7.65
N GLY A 601 -13.20 25.73 7.25
CA GLY A 601 -12.47 26.80 7.89
C GLY A 601 -11.48 27.50 6.96
N ASN A 602 -10.79 28.48 7.55
CA ASN A 602 -9.82 29.34 6.91
C ASN A 602 -8.47 28.73 6.58
N VAL A 603 -8.30 27.44 6.72
CA VAL A 603 -6.92 26.89 6.36
C VAL A 603 -7.16 25.84 5.30
N TYR A 604 -6.12 25.53 4.52
CA TYR A 604 -6.16 24.58 3.42
C TYR A 604 -6.64 23.18 3.81
N GLU A 605 -6.26 22.79 5.00
CA GLU A 605 -6.59 21.48 5.57
C GLU A 605 -8.09 21.42 5.85
N LEU A 606 -8.69 22.57 6.04
CA LEU A 606 -10.15 22.66 6.29
C LEU A 606 -10.90 23.27 5.10
N GLY A 607 -10.31 23.19 3.92
CA GLY A 607 -10.90 23.67 2.70
C GLY A 607 -10.89 25.13 2.30
N ASN A 608 -10.42 26.06 3.10
CA ASN A 608 -10.37 27.47 2.69
C ASN A 608 -11.76 28.02 2.36
N TRP A 609 -12.69 27.68 3.21
CA TRP A 609 -14.07 28.11 3.12
C TRP A 609 -14.79 27.64 1.88
N ASP A 610 -14.27 26.61 1.20
CA ASP A 610 -15.00 26.08 0.02
C ASP A 610 -15.77 24.86 0.55
N THR A 611 -17.09 24.97 0.62
CA THR A 611 -17.95 23.88 1.08
C THR A 611 -17.75 22.67 0.16
N SER A 612 -17.25 22.86 -1.06
CA SER A 612 -17.03 21.72 -1.96
C SER A 612 -15.85 20.89 -1.45
N LYS A 613 -15.04 21.51 -0.59
CA LYS A 613 -13.88 20.78 -0.04
C LYS A 613 -13.93 20.65 1.46
N ALA A 614 -15.12 20.65 2.02
CA ALA A 614 -15.41 20.53 3.46
C ALA A 614 -15.04 19.12 3.96
N ILE A 615 -14.61 19.00 5.20
CA ILE A 615 -14.21 17.71 5.77
C ILE A 615 -15.42 17.04 6.45
N GLY A 616 -15.72 15.82 6.01
CA GLY A 616 -16.87 15.08 6.55
C GLY A 616 -17.37 14.06 5.52
N PRO A 617 -18.52 13.45 5.69
CA PRO A 617 -19.43 13.65 6.81
C PRO A 617 -18.74 13.29 8.11
N MET A 618 -19.24 13.91 9.16
CA MET A 618 -18.76 13.74 10.54
C MET A 618 -19.49 12.54 11.15
N PHE A 619 -18.90 12.03 12.21
CA PHE A 619 -19.37 10.86 12.96
C PHE A 619 -20.37 11.29 14.02
N ASN A 620 -21.29 10.40 14.33
CA ASN A 620 -22.28 10.75 15.39
C ASN A 620 -22.83 9.54 16.14
N GLN A 621 -22.13 8.40 16.13
CA GLN A 621 -22.65 7.27 16.88
C GLN A 621 -21.74 6.80 17.99
N VAL A 622 -20.46 6.52 17.79
CA VAL A 622 -19.63 5.98 18.87
C VAL A 622 -19.08 6.88 19.93
N VAL A 623 -17.96 7.55 19.69
CA VAL A 623 -17.32 8.39 20.77
C VAL A 623 -18.34 9.34 21.34
N TYR A 624 -19.14 9.92 20.48
CA TYR A 624 -20.20 10.88 20.88
C TYR A 624 -21.39 10.39 20.02
N SER A 625 -22.61 10.74 20.48
CA SER A 625 -23.79 10.32 19.68
C SER A 625 -24.61 11.55 19.33
N TYR A 626 -25.18 11.42 18.15
CA TYR A 626 -26.04 12.47 17.57
C TYR A 626 -27.04 12.92 18.63
N PRO A 627 -27.39 14.19 18.70
CA PRO A 627 -27.02 15.29 17.86
C PRO A 627 -25.63 15.90 17.95
N THR A 628 -24.72 15.20 18.60
CA THR A 628 -23.34 15.61 18.72
C THR A 628 -22.53 14.82 17.68
N TRP A 629 -21.80 15.58 16.88
CA TRP A 629 -20.91 15.06 15.82
C TRP A 629 -19.45 15.43 16.15
N TYR A 630 -18.58 14.57 15.67
CA TYR A 630 -17.16 14.60 15.85
C TYR A 630 -16.43 13.98 14.65
N ILE A 631 -15.19 14.46 14.57
CA ILE A 631 -14.28 14.01 13.51
C ILE A 631 -12.84 14.42 13.90
N ASP A 632 -11.96 13.51 13.53
CA ASP A 632 -10.53 13.65 13.74
C ASP A 632 -9.89 14.18 12.45
N VAL A 633 -9.43 15.42 12.52
CA VAL A 633 -8.79 16.03 11.37
C VAL A 633 -7.30 16.33 11.50
N SER A 634 -6.59 16.10 10.41
CA SER A 634 -5.14 16.40 10.34
C SER A 634 -5.10 17.91 10.02
N VAL A 635 -4.32 18.64 10.76
CA VAL A 635 -4.29 20.14 10.57
C VAL A 635 -2.97 20.73 11.01
N PRO A 636 -2.69 21.94 10.55
CA PRO A 636 -1.43 22.63 10.89
C PRO A 636 -1.37 22.95 12.38
N GLU A 637 -0.18 22.73 12.94
CA GLU A 637 0.08 23.02 14.37
C GLU A 637 0.36 24.49 14.66
N GLY A 638 0.22 24.84 15.93
CA GLY A 638 0.44 26.20 16.42
C GLY A 638 -0.15 27.24 15.46
N LYS A 639 -1.41 27.02 15.14
CA LYS A 639 -2.14 27.89 14.24
C LYS A 639 -3.53 28.23 14.79
N THR A 640 -3.80 29.53 14.66
CA THR A 640 -5.14 30.01 15.12
C THR A 640 -6.00 29.88 13.87
N ILE A 641 -7.00 29.03 14.06
CA ILE A 641 -7.94 28.74 12.95
C ILE A 641 -9.35 29.18 13.29
N GLU A 642 -10.00 29.42 12.17
CA GLU A 642 -11.41 29.79 12.10
C GLU A 642 -12.09 28.74 11.21
N PHE A 643 -13.22 28.28 11.76
CA PHE A 643 -14.03 27.27 11.08
C PHE A 643 -15.49 27.39 11.55
N LYS A 644 -16.36 26.82 10.77
CA LYS A 644 -17.79 26.72 10.92
C LYS A 644 -18.22 25.32 10.42
N PHE A 645 -19.36 24.91 10.92
CA PHE A 645 -19.98 23.61 10.60
C PHE A 645 -21.12 23.97 9.62
N ILE A 646 -21.37 23.02 8.78
CA ILE A 646 -22.35 23.06 7.73
C ILE A 646 -23.00 21.69 7.54
N LYS A 647 -24.27 21.85 7.19
CA LYS A 647 -25.18 20.75 6.89
C LYS A 647 -25.21 20.69 5.34
N LYS A 648 -24.92 19.52 4.84
CA LYS A 648 -24.93 19.27 3.39
C LYS A 648 -25.93 18.14 3.08
N ASP A 649 -26.73 18.42 2.07
CA ASP A 649 -27.75 17.56 1.48
C ASP A 649 -27.07 16.39 0.73
N SER A 650 -27.97 15.60 0.16
CA SER A 650 -27.67 14.45 -0.65
C SER A 650 -27.23 14.95 -2.03
N GLN A 651 -27.83 16.09 -2.39
CA GLN A 651 -27.55 16.71 -3.70
C GLN A 651 -26.98 18.11 -3.66
N GLY A 652 -26.01 18.34 -2.79
CA GLY A 652 -25.30 19.59 -2.66
C GLY A 652 -25.63 20.67 -1.67
N ASN A 653 -26.89 20.88 -1.37
CA ASN A 653 -27.38 21.88 -0.44
C ASN A 653 -26.43 22.06 0.75
N VAL A 654 -26.27 23.34 1.05
CA VAL A 654 -25.38 23.76 2.13
C VAL A 654 -26.11 24.74 3.04
N THR A 655 -26.08 24.41 4.32
CA THR A 655 -26.69 25.20 5.38
C THR A 655 -25.57 25.53 6.38
N TRP A 656 -25.28 26.83 6.44
CA TRP A 656 -24.22 27.28 7.34
C TRP A 656 -24.69 27.43 8.78
N GLU A 657 -23.61 27.42 9.61
CA GLU A 657 -23.96 27.74 11.05
C GLU A 657 -24.27 29.25 10.88
N SER A 658 -25.21 29.79 11.64
CA SER A 658 -25.48 31.21 11.38
C SER A 658 -25.04 32.29 12.32
N GLY A 659 -23.77 32.40 12.65
CA GLY A 659 -23.21 33.50 13.50
C GLY A 659 -21.74 33.85 13.18
N SER A 660 -20.94 34.16 14.19
CA SER A 660 -19.50 34.45 13.90
C SER A 660 -18.69 33.13 13.83
N ASN A 661 -17.45 33.19 13.36
CA ASN A 661 -16.61 32.00 13.24
C ASN A 661 -16.18 31.47 14.61
N HIS A 662 -15.97 30.16 14.58
CA HIS A 662 -15.45 29.43 15.75
C HIS A 662 -13.93 29.57 15.54
N VAL A 663 -13.28 29.88 16.64
CA VAL A 663 -11.81 30.08 16.69
C VAL A 663 -11.20 29.01 17.59
N TYR A 664 -9.96 28.69 17.23
CA TYR A 664 -9.14 27.70 17.96
C TYR A 664 -7.71 27.67 17.45
N THR A 665 -6.82 27.70 18.43
CA THR A 665 -5.38 27.65 18.24
C THR A 665 -4.93 26.18 18.38
N THR A 666 -4.67 25.60 17.23
CA THR A 666 -4.27 24.18 17.20
C THR A 666 -2.99 23.98 18.00
N PRO A 667 -2.94 22.82 18.63
CA PRO A 667 -1.76 22.47 19.45
C PRO A 667 -0.54 22.31 18.55
N THR A 668 0.60 22.19 19.19
CA THR A 668 1.93 22.02 18.62
C THR A 668 2.60 20.71 19.05
N ASN A 669 2.89 19.86 18.09
CA ASN A 669 3.57 18.59 18.41
C ASN A 669 2.74 17.66 19.27
N THR A 670 1.43 17.80 19.12
CA THR A 670 0.54 16.93 19.95
C THR A 670 -0.89 17.03 19.46
N THR A 671 -1.79 16.26 20.04
CA THR A 671 -3.18 16.31 19.55
C THR A 671 -3.95 17.34 20.36
N GLY A 672 -5.10 17.67 19.79
CA GLY A 672 -6.04 18.61 20.42
C GLY A 672 -7.48 18.15 20.28
N LYS A 673 -8.31 18.70 21.14
CA LYS A 673 -9.77 18.39 21.11
C LYS A 673 -10.47 19.73 21.31
N ILE A 674 -11.46 20.03 20.49
CA ILE A 674 -12.28 21.23 20.56
C ILE A 674 -13.75 20.85 20.34
N ILE A 675 -14.57 21.33 21.24
CA ILE A 675 -16.01 21.08 21.30
C ILE A 675 -16.70 22.45 21.36
N VAL A 676 -17.71 22.61 20.50
CA VAL A 676 -18.46 23.88 20.49
C VAL A 676 -19.92 23.60 20.29
N ASP A 677 -20.70 24.70 20.25
CA ASP A 677 -22.18 24.46 20.05
C ASP A 677 -22.58 24.96 18.66
N TRP A 678 -23.51 24.25 18.08
CA TRP A 678 -24.01 24.66 16.73
C TRP A 678 -24.69 26.01 17.00
N GLN A 679 -24.14 27.00 16.30
CA GLN A 679 -24.70 28.38 16.46
C GLN A 679 -25.85 28.47 15.46
N ASN A 680 -27.06 28.53 16.03
CA ASN A 680 -28.28 28.62 15.23
C ASN A 680 -28.42 30.08 14.72
#